data_4D9N
#
_entry.id   4D9N
#
_cell.length_a   85.611
_cell.length_b   85.611
_cell.length_c   207.652
_cell.angle_alpha   90.00
_cell.angle_beta   90.00
_cell.angle_gamma   90.00
#
_symmetry.space_group_name_H-M   'P 43 21 2'
#
loop_
_entity.id
_entity.type
_entity.pdbx_description
1 polymer 'Diaminopropionate ammonia-lyase'
2 non-polymer D-SERINE
3 water water
#
_entity_poly.entity_id   1
_entity_poly.type   'polypeptide(L)'
_entity_poly.pdbx_seq_one_letter_code
;MSVFSLKIDIADNKFFNGETSPLFSQSQAKLARQFHQKIAGYRPTPLCALDDLANLFGVKKILVKDESKRFGLNAF
(LLP)MLGGAYAIAQLLCEKYHLDIETLSFEHLKNAIGEKMTFATTTDGNHGRGVAWAAQQLGQNAVIYMPKGSAQERVD
AILNLGAECIVTDMNYDDTVRLTMQHAQQHGWEVVQDTAWEGYTKIPTWIMQGYATLADEAVEQMREMGVTPTHVLLQAG
VGAMAGGVLGYLVDVYSPQNLHSIIVEPDKADCIYRSGVKGDIVNVGGDMATIMAGLACGEPNPLGWEILRNCATQFISC
QDSVAALGMRVLGNPYGNDPRIISGESGAVGLGVLAAVHYHPQRQSLMEKLALNKDAVVLVISTEGDTDVKHYREVVWEG
KHAVAP
;
_entity_poly.pdbx_strand_id   A,B
#
# COMPACT_ATOMS: atom_id res chain seq x y z
N SER A 2 8.83 13.16 6.53
CA SER A 2 7.87 13.68 7.54
C SER A 2 7.23 14.94 7.03
N VAL A 3 7.89 16.08 7.26
CA VAL A 3 7.47 17.37 6.72
C VAL A 3 8.27 17.64 5.45
N PHE A 4 7.57 17.93 4.36
CA PHE A 4 8.21 18.15 3.06
C PHE A 4 7.44 19.10 2.16
N SER A 5 8.15 19.75 1.25
CA SER A 5 7.55 20.73 0.34
C SER A 5 7.49 20.23 -1.10
N LEU A 6 6.27 19.98 -1.58
CA LEU A 6 6.02 19.69 -2.98
C LEU A 6 5.30 20.87 -3.61
N LYS A 7 5.69 21.21 -4.83
CA LYS A 7 5.15 22.39 -5.51
C LYS A 7 3.63 22.32 -5.59
N ILE A 8 2.96 23.17 -4.80
CA ILE A 8 1.51 23.32 -4.86
C ILE A 8 1.19 24.79 -5.13
N ASP A 9 0.80 25.08 -6.37
CA ASP A 9 0.42 26.43 -6.76
C ASP A 9 -1.09 26.54 -6.82
N ILE A 10 -1.66 27.40 -5.96
CA ILE A 10 -3.10 27.59 -5.89
C ILE A 10 -3.45 29.01 -6.37
N ALA A 11 -4.27 29.09 -7.39
CA ALA A 11 -4.71 30.38 -7.92
C ALA A 11 -6.23 30.50 -7.89
N ASP A 12 -6.71 31.60 -7.33
CA ASP A 12 -8.14 31.93 -7.34
C ASP A 12 -8.62 32.18 -8.76
N ASN A 13 -9.80 31.66 -9.09
CA ASN A 13 -10.44 31.98 -10.36
C ASN A 13 -11.09 33.35 -10.29
N LYS A 14 -10.45 34.33 -10.93
CA LYS A 14 -10.93 35.72 -10.94
C LYS A 14 -12.12 35.91 -11.87
N PHE A 15 -12.25 35.01 -12.85
CA PHE A 15 -13.26 35.13 -13.91
C PHE A 15 -14.54 34.33 -13.60
N PHE A 16 -14.71 33.95 -12.34
CA PHE A 16 -15.89 33.26 -11.84
C PHE A 16 -17.12 34.16 -11.93
N ASN A 17 -18.21 33.64 -12.49
CA ASN A 17 -19.49 34.36 -12.56
C ASN A 17 -20.69 33.52 -12.12
N GLY A 18 -20.47 32.22 -11.92
CA GLY A 18 -21.51 31.32 -11.46
C GLY A 18 -22.59 30.95 -12.46
N GLU A 19 -22.34 31.25 -13.75
CA GLU A 19 -23.27 30.88 -14.81
C GLU A 19 -23.24 29.38 -15.07
N THR A 20 -24.36 28.72 -14.80
CA THR A 20 -24.48 27.28 -15.01
C THR A 20 -24.71 26.98 -16.50
N SER A 21 -24.56 25.71 -16.87
CA SER A 21 -24.79 25.29 -18.23
C SER A 21 -25.95 24.28 -18.29
N PRO A 22 -27.04 24.65 -18.98
CA PRO A 22 -28.16 23.74 -19.25
C PRO A 22 -27.74 22.60 -20.19
N LEU A 23 -26.67 22.83 -20.95
CA LEU A 23 -26.09 21.83 -21.85
C LEU A 23 -25.48 20.66 -21.06
N PHE A 24 -24.72 20.99 -20.01
CA PHE A 24 -24.16 19.99 -19.11
C PHE A 24 -24.76 20.13 -17.71
N SER A 25 -25.95 19.57 -17.53
CA SER A 25 -26.65 19.63 -16.23
C SER A 25 -27.24 18.29 -15.83
N GLN A 26 -28.20 18.32 -14.91
CA GLN A 26 -28.82 17.11 -14.36
C GLN A 26 -29.56 16.25 -15.38
N SER A 27 -30.36 16.90 -16.23
CA SER A 27 -31.25 16.22 -17.16
C SER A 27 -30.51 15.34 -18.18
N GLN A 28 -29.38 15.84 -18.68
CA GLN A 28 -28.57 15.13 -19.68
C GLN A 28 -27.86 13.93 -19.07
N ALA A 29 -27.33 14.11 -17.86
CA ALA A 29 -26.66 13.03 -17.13
C ALA A 29 -27.59 11.86 -16.83
N LYS A 30 -28.84 12.17 -16.49
CA LYS A 30 -29.83 11.15 -16.19
C LYS A 30 -30.25 10.37 -17.44
N LEU A 31 -30.31 11.07 -18.58
CA LEU A 31 -30.56 10.42 -19.87
C LEU A 31 -29.38 9.51 -20.24
N ALA A 32 -28.16 10.02 -20.04
CA ALA A 32 -26.93 9.26 -20.31
C ALA A 32 -26.80 8.02 -19.44
N ARG A 33 -27.18 8.15 -18.16
CA ARG A 33 -27.12 7.04 -17.21
C ARG A 33 -28.13 5.95 -17.57
N GLN A 34 -29.31 6.36 -18.03
CA GLN A 34 -30.34 5.41 -18.47
C GLN A 34 -29.88 4.55 -19.65
N PHE A 35 -28.92 5.06 -20.41
CA PHE A 35 -28.25 4.29 -21.45
C PHE A 35 -27.24 3.30 -20.85
N HIS A 36 -26.50 3.77 -19.84
CA HIS A 36 -25.49 2.93 -19.18
C HIS A 36 -26.09 1.82 -18.36
N GLN A 37 -27.26 2.09 -17.77
CA GLN A 37 -27.98 1.09 -16.96
C GLN A 37 -28.36 -0.15 -17.77
N LYS A 38 -28.52 0.03 -19.08
CA LYS A 38 -28.92 -1.05 -19.97
C LYS A 38 -27.77 -1.95 -20.39
N ILE A 39 -26.53 -1.48 -20.23
CA ILE A 39 -25.34 -2.25 -20.58
C ILE A 39 -25.13 -3.38 -19.58
N ALA A 40 -24.79 -4.57 -20.08
CA ALA A 40 -24.59 -5.76 -19.25
C ALA A 40 -23.43 -5.59 -18.28
N GLY A 41 -23.68 -5.87 -17.00
CA GLY A 41 -22.67 -5.77 -15.96
C GLY A 41 -22.52 -4.37 -15.38
N TYR A 42 -23.53 -3.53 -15.59
CA TYR A 42 -23.51 -2.17 -15.03
C TYR A 42 -23.72 -2.20 -13.52
N ARG A 43 -22.91 -1.42 -12.81
CA ARG A 43 -23.03 -1.24 -11.37
C ARG A 43 -22.39 0.10 -11.01
N PRO A 44 -23.08 0.92 -10.18
CA PRO A 44 -22.45 2.16 -9.73
C PRO A 44 -21.12 1.87 -9.05
N THR A 45 -20.08 2.61 -9.42
CA THR A 45 -18.75 2.41 -8.84
C THR A 45 -18.73 2.89 -7.38
N PRO A 46 -17.99 2.19 -6.51
CA PRO A 46 -17.95 2.52 -5.09
C PRO A 46 -17.58 3.98 -4.82
N LEU A 47 -18.28 4.59 -3.87
CA LEU A 47 -17.86 5.85 -3.30
C LEU A 47 -17.33 5.54 -1.91
N CYS A 48 -16.02 5.48 -1.79
CA CYS A 48 -15.37 5.02 -0.57
C CYS A 48 -15.18 6.15 0.43
N ALA A 49 -15.59 5.91 1.67
CA ALA A 49 -15.45 6.86 2.76
C ALA A 49 -14.15 6.64 3.52
N LEU A 50 -13.20 7.54 3.34
CA LEU A 50 -11.90 7.45 4.00
C LEU A 50 -11.92 8.25 5.30
N ASP A 51 -12.66 7.74 6.28
CA ASP A 51 -12.89 8.43 7.56
C ASP A 51 -11.60 8.72 8.33
N ASP A 52 -10.72 7.74 8.38
CA ASP A 52 -9.48 7.84 9.17
C ASP A 52 -8.46 8.78 8.55
N LEU A 53 -8.43 8.84 7.22
CA LEU A 53 -7.53 9.75 6.51
C LEU A 53 -8.01 11.20 6.66
N ALA A 54 -9.33 11.37 6.68
CA ALA A 54 -9.96 12.68 6.88
C ALA A 54 -9.62 13.22 8.26
N ASN A 55 -9.69 12.36 9.27
CA ASN A 55 -9.34 12.70 10.64
C ASN A 55 -7.87 13.11 10.77
N LEU A 56 -7.00 12.41 10.04
CA LEU A 56 -5.58 12.74 10.02
C LEU A 56 -5.31 14.08 9.32
N PHE A 57 -6.03 14.33 8.22
CA PHE A 57 -5.86 15.56 7.45
C PHE A 57 -6.57 16.76 8.08
N GLY A 58 -7.49 16.49 9.01
CA GLY A 58 -8.20 17.55 9.73
C GLY A 58 -9.45 18.05 9.03
N VAL A 59 -10.04 17.21 8.18
CA VAL A 59 -11.35 17.50 7.57
C VAL A 59 -12.40 16.51 8.08
N LYS A 60 -13.66 16.77 7.79
CA LYS A 60 -14.75 15.93 8.30
C LYS A 60 -14.81 14.58 7.59
N LYS A 61 -14.79 14.62 6.26
CA LYS A 61 -14.87 13.42 5.43
C LYS A 61 -14.17 13.58 4.09
N ILE A 62 -13.54 12.51 3.64
CA ILE A 62 -13.00 12.42 2.27
C ILE A 62 -13.70 11.26 1.57
N LEU A 63 -14.32 11.55 0.43
CA LEU A 63 -15.05 10.55 -0.34
C LEU A 63 -14.43 10.36 -1.71
N VAL A 64 -14.13 9.11 -2.06
CA VAL A 64 -13.43 8.81 -3.31
C VAL A 64 -14.28 7.94 -4.24
N LYS A 65 -14.61 8.50 -5.40
CA LYS A 65 -15.33 7.78 -6.45
C LYS A 65 -14.33 6.89 -7.19
N ASP A 66 -14.45 5.58 -7.01
CA ASP A 66 -13.48 4.61 -7.52
C ASP A 66 -13.86 4.12 -8.92
N GLU A 67 -13.41 4.85 -9.94
CA GLU A 67 -13.76 4.54 -11.32
C GLU A 67 -12.94 3.39 -11.92
N SER A 68 -12.14 2.73 -11.09
CA SER A 68 -11.43 1.53 -11.52
C SER A 68 -12.40 0.35 -11.60
N LYS A 69 -13.57 0.51 -11.00
CA LYS A 69 -14.60 -0.52 -11.00
C LYS A 69 -15.60 -0.37 -12.15
N ARG A 70 -15.37 0.61 -13.03
CA ARG A 70 -16.26 0.88 -14.16
C ARG A 70 -16.16 -0.23 -15.21
N PHE A 71 -17.08 -1.20 -15.09
CA PHE A 71 -17.02 -2.46 -15.85
C PHE A 71 -15.65 -3.12 -15.65
N GLY A 72 -15.05 -3.63 -16.73
CA GLY A 72 -13.71 -4.20 -16.66
C GLY A 72 -12.71 -3.32 -17.37
N LEU A 73 -13.00 -2.01 -17.38
CA LEU A 73 -12.21 -1.03 -18.13
C LEU A 73 -11.10 -0.38 -17.31
N ASN A 74 -11.21 -0.47 -15.99
CA ASN A 74 -10.20 0.07 -15.05
C ASN A 74 -10.07 1.60 -15.12
N ALA A 75 -11.08 2.23 -15.71
CA ALA A 75 -11.13 3.69 -15.88
C ALA A 75 -12.56 4.15 -16.18
N PHE A 76 -12.80 5.45 -16.03
CA PHE A 76 -14.15 6.03 -16.16
C PHE A 76 -14.57 6.29 -17.60
N1 LLP A 77 -7.74 10.99 -15.34
C2 LLP A 77 -7.49 10.00 -16.23
C2' LLP A 77 -6.79 8.76 -15.77
C3 LLP A 77 -7.89 10.12 -17.55
O3 LLP A 77 -7.63 9.10 -18.42
C4 LLP A 77 -8.54 11.27 -17.97
C4' LLP A 77 -8.98 11.41 -19.39
C5 LLP A 77 -8.78 12.28 -17.03
C6 LLP A 77 -8.37 12.11 -15.71
C5' LLP A 77 -9.50 13.58 -17.37
OP4 LLP A 77 -8.84 14.26 -18.42
P LLP A 77 -9.66 15.22 -19.41
OP1 LLP A 77 -9.49 16.60 -18.82
OP2 LLP A 77 -8.95 15.03 -20.73
OP3 LLP A 77 -11.08 14.70 -19.37
N LLP A 77 -13.60 6.37 -18.50
CA LLP A 77 -13.78 7.01 -19.81
CB LLP A 77 -12.43 7.06 -20.54
CG LLP A 77 -11.63 8.24 -20.00
CD LLP A 77 -10.93 9.00 -21.11
CE LLP A 77 -10.66 10.44 -20.70
NZ LLP A 77 -9.35 10.42 -20.07
C LLP A 77 -14.82 6.44 -20.72
O LLP A 77 -15.37 7.16 -21.56
N MET A 78 -15.14 5.16 -20.56
CA MET A 78 -16.18 4.52 -21.38
C MET A 78 -17.54 5.21 -21.24
N LEU A 79 -17.79 5.78 -20.06
CA LEU A 79 -19.02 6.54 -19.78
C LEU A 79 -19.32 7.59 -20.86
N GLY A 80 -18.26 8.22 -21.37
CA GLY A 80 -18.40 9.20 -22.44
C GLY A 80 -18.24 8.61 -23.82
N GLY A 81 -17.15 7.86 -24.03
CA GLY A 81 -16.83 7.28 -25.33
C GLY A 81 -17.91 6.39 -25.91
N ALA A 82 -18.43 5.49 -25.09
CA ALA A 82 -19.47 4.55 -25.50
C ALA A 82 -20.79 5.25 -25.79
N TYR A 83 -21.11 6.25 -24.98
CA TYR A 83 -22.32 7.04 -25.14
C TYR A 83 -22.30 7.83 -26.45
N ALA A 84 -21.15 8.45 -26.76
CA ALA A 84 -20.97 9.21 -27.99
C ALA A 84 -21.04 8.31 -29.23
N ILE A 85 -20.45 7.12 -29.12
CA ILE A 85 -20.46 6.16 -30.23
C ILE A 85 -21.88 5.65 -30.52
N ALA A 86 -22.65 5.40 -29.47
CA ALA A 86 -24.04 4.98 -29.62
C ALA A 86 -24.91 6.08 -30.23
N GLN A 87 -24.65 7.33 -29.86
CA GLN A 87 -25.39 8.47 -30.40
C GLN A 87 -25.10 8.70 -31.88
N LEU A 88 -23.84 8.46 -32.29
CA LEU A 88 -23.44 8.54 -33.69
C LEU A 88 -24.12 7.46 -34.53
N LEU A 89 -24.17 6.25 -33.97
CA LEU A 89 -24.87 5.12 -34.57
C LEU A 89 -26.34 5.44 -34.80
N CYS A 90 -26.99 5.96 -33.76
CA CYS A 90 -28.41 6.30 -33.82
C CYS A 90 -28.74 7.42 -34.80
N GLU A 91 -27.82 8.38 -34.92
CA GLU A 91 -27.98 9.49 -35.86
C GLU A 91 -27.84 9.05 -37.31
N LYS A 92 -26.76 8.32 -37.61
CA LYS A 92 -26.46 7.89 -38.98
C LYS A 92 -27.38 6.77 -39.47
N TYR A 93 -27.67 5.81 -38.61
CA TYR A 93 -28.48 4.66 -39.00
C TYR A 93 -29.95 4.77 -38.58
N HIS A 94 -30.38 5.99 -38.30
CA HIS A 94 -31.79 6.30 -37.99
C HIS A 94 -32.40 5.36 -36.98
N LEU A 95 -31.89 5.46 -35.75
CA LEU A 95 -32.39 4.65 -34.63
C LEU A 95 -32.64 5.55 -33.42
N ASP A 96 -33.32 5.02 -32.41
CA ASP A 96 -33.54 5.75 -31.18
C ASP A 96 -32.65 5.21 -30.06
N ILE A 97 -32.03 6.13 -29.32
CA ILE A 97 -31.09 5.79 -28.24
C ILE A 97 -31.78 5.06 -27.07
N GLU A 98 -33.00 5.48 -26.74
CA GLU A 98 -33.76 4.90 -25.64
C GLU A 98 -34.24 3.47 -25.90
N THR A 99 -33.95 2.95 -27.09
CA THR A 99 -34.33 1.59 -27.48
C THR A 99 -33.31 0.95 -28.42
N LEU A 100 -32.08 0.81 -27.94
CA LEU A 100 -30.99 0.21 -28.71
C LEU A 100 -30.65 -1.18 -28.20
N SER A 101 -30.35 -2.10 -29.11
CA SER A 101 -29.94 -3.45 -28.76
C SER A 101 -28.50 -3.71 -29.18
N PHE A 102 -27.68 -4.12 -28.22
CA PHE A 102 -26.25 -4.38 -28.45
C PHE A 102 -26.03 -5.61 -29.31
N GLU A 103 -26.78 -6.68 -29.04
CA GLU A 103 -26.70 -7.93 -29.81
C GLU A 103 -27.18 -7.74 -31.25
N HIS A 104 -28.01 -6.72 -31.48
CA HIS A 104 -28.51 -6.38 -32.80
C HIS A 104 -27.43 -5.83 -33.69
N LEU A 105 -26.69 -4.85 -33.19
CA LEU A 105 -25.61 -4.21 -33.95
C LEU A 105 -24.36 -5.08 -34.06
N LYS A 106 -24.05 -5.80 -32.99
CA LYS A 106 -22.87 -6.68 -32.92
C LYS A 106 -22.86 -7.75 -34.02
N ASN A 107 -24.03 -8.35 -34.26
CA ASN A 107 -24.15 -9.49 -35.18
C ASN A 107 -24.51 -9.12 -36.61
N ALA A 108 -25.29 -8.04 -36.76
CA ALA A 108 -25.88 -7.67 -38.06
C ALA A 108 -24.87 -7.25 -39.13
N ILE A 109 -25.28 -7.40 -40.39
CA ILE A 109 -24.47 -7.03 -41.54
C ILE A 109 -24.85 -5.66 -42.08
N GLY A 110 -24.10 -5.17 -43.06
CA GLY A 110 -24.38 -3.89 -43.71
C GLY A 110 -23.20 -2.92 -43.67
N GLU A 111 -23.52 -1.64 -43.47
CA GLU A 111 -22.52 -0.59 -43.43
C GLU A 111 -21.86 -0.53 -42.05
N LYS A 112 -20.53 -0.59 -42.04
CA LYS A 112 -19.75 -0.54 -40.81
C LYS A 112 -19.07 0.82 -40.68
N MET A 113 -19.18 1.42 -39.49
CA MET A 113 -18.45 2.65 -39.20
C MET A 113 -17.04 2.33 -38.73
N THR A 114 -16.11 3.24 -39.04
CA THR A 114 -14.75 3.14 -38.53
C THR A 114 -14.46 4.36 -37.67
N PHE A 115 -14.27 4.13 -36.37
CA PHE A 115 -13.98 5.19 -35.42
C PHE A 115 -12.48 5.36 -35.22
N ALA A 116 -12.00 6.57 -35.50
CA ALA A 116 -10.58 6.87 -35.38
C ALA A 116 -10.34 7.81 -34.21
N THR A 117 -9.38 7.46 -33.35
CA THR A 117 -9.02 8.32 -32.23
C THR A 117 -7.57 8.16 -31.77
N THR A 118 -7.05 9.23 -31.16
CA THR A 118 -5.73 9.25 -30.56
C THR A 118 -5.88 9.23 -29.05
N THR A 119 -5.11 8.36 -28.39
CA THR A 119 -5.14 8.26 -26.94
C THR A 119 -3.76 7.97 -26.36
N ASP A 120 -3.59 8.31 -25.09
CA ASP A 120 -2.43 7.85 -24.33
C ASP A 120 -2.85 6.75 -23.36
N GLY A 121 -4.10 6.27 -23.49
CA GLY A 121 -4.59 5.18 -22.66
C GLY A 121 -6.08 4.92 -22.64
N ASN A 122 -6.79 5.59 -21.73
CA ASN A 122 -8.17 5.24 -21.39
C ASN A 122 -9.24 5.56 -22.45
N HIS A 123 -9.14 6.75 -23.05
CA HIS A 123 -10.11 7.18 -24.05
C HIS A 123 -10.24 6.20 -25.18
N GLY A 124 -9.10 5.86 -25.80
CA GLY A 124 -9.05 4.93 -26.92
C GLY A 124 -9.52 3.53 -26.56
N ARG A 125 -9.29 3.14 -25.31
CA ARG A 125 -9.76 1.86 -24.79
C ARG A 125 -11.28 1.85 -24.71
N GLY A 126 -11.86 2.97 -24.28
CA GLY A 126 -13.32 3.13 -24.26
C GLY A 126 -13.92 3.11 -25.65
N VAL A 127 -13.25 3.78 -26.59
CA VAL A 127 -13.64 3.78 -28.00
C VAL A 127 -13.53 2.39 -28.62
N ALA A 128 -12.41 1.70 -28.37
CA ALA A 128 -12.21 0.33 -28.84
C ALA A 128 -13.23 -0.63 -28.27
N TRP A 129 -13.52 -0.47 -26.98
CA TRP A 129 -14.50 -1.29 -26.28
C TRP A 129 -15.86 -1.15 -26.89
N ALA A 130 -16.29 0.09 -27.11
CA ALA A 130 -17.62 0.38 -27.63
C ALA A 130 -17.79 -0.09 -29.07
N ALA A 131 -16.72 0.06 -29.86
CA ALA A 131 -16.71 -0.39 -31.25
C ALA A 131 -16.89 -1.90 -31.34
N GLN A 132 -16.20 -2.63 -30.45
CA GLN A 132 -16.32 -4.08 -30.37
C GLN A 132 -17.74 -4.50 -29.97
N GLN A 133 -18.29 -3.83 -28.95
CA GLN A 133 -19.62 -4.14 -28.44
C GLN A 133 -20.73 -3.85 -29.45
N LEU A 134 -20.51 -2.84 -30.29
CA LEU A 134 -21.52 -2.43 -31.27
C LEU A 134 -21.20 -2.87 -32.71
N GLY A 135 -20.26 -3.82 -32.83
CA GLY A 135 -19.91 -4.44 -34.10
C GLY A 135 -19.28 -3.50 -35.13
N GLN A 136 -18.56 -2.50 -34.64
CA GLN A 136 -17.95 -1.50 -35.52
C GLN A 136 -16.41 -1.63 -35.55
N ASN A 137 -15.77 -0.79 -36.36
CA ASN A 137 -14.32 -0.77 -36.47
C ASN A 137 -13.71 0.35 -35.63
N ALA A 138 -12.51 0.09 -35.10
CA ALA A 138 -11.77 1.11 -34.38
C ALA A 138 -10.29 1.13 -34.79
N VAL A 139 -9.81 2.33 -35.11
CA VAL A 139 -8.40 2.55 -35.39
C VAL A 139 -7.86 3.55 -34.35
N ILE A 140 -7.05 3.03 -33.44
CA ILE A 140 -6.54 3.80 -32.31
C ILE A 140 -5.05 4.09 -32.46
N TYR A 141 -4.71 5.38 -32.48
CA TYR A 141 -3.32 5.81 -32.56
C TYR A 141 -2.80 6.21 -31.19
N MET A 142 -1.52 5.91 -30.94
CA MET A 142 -0.87 6.25 -29.68
C MET A 142 0.51 6.87 -29.93
N PRO A 143 0.87 7.89 -29.13
CA PRO A 143 2.18 8.55 -29.28
C PRO A 143 3.36 7.71 -28.78
N LYS A 144 4.57 8.13 -29.15
CA LYS A 144 5.81 7.46 -28.75
C LYS A 144 5.94 7.39 -27.24
N GLY A 145 6.40 6.23 -26.74
CA GLY A 145 6.59 6.02 -25.31
C GLY A 145 5.35 5.52 -24.59
N SER A 146 4.30 5.22 -25.34
CA SER A 146 3.08 4.65 -24.77
C SER A 146 3.33 3.23 -24.29
N ALA A 147 2.78 2.90 -23.12
CA ALA A 147 2.97 1.59 -22.49
C ALA A 147 2.37 0.44 -23.32
N GLN A 148 3.14 -0.64 -23.45
CA GLN A 148 2.73 -1.80 -24.24
C GLN A 148 1.47 -2.48 -23.70
N GLU A 149 1.30 -2.45 -22.38
CA GLU A 149 0.10 -3.01 -21.73
C GLU A 149 -1.16 -2.31 -22.22
N ARG A 150 -1.09 -0.99 -22.36
CA ARG A 150 -2.21 -0.19 -22.86
C ARG A 150 -2.47 -0.44 -24.34
N VAL A 151 -1.38 -0.66 -25.10
CA VAL A 151 -1.48 -1.03 -26.51
C VAL A 151 -2.16 -2.39 -26.64
N ASP A 152 -1.72 -3.34 -25.80
CA ASP A 152 -2.25 -4.70 -25.79
C ASP A 152 -3.72 -4.75 -25.40
N ALA A 153 -4.12 -3.84 -24.51
CA ALA A 153 -5.51 -3.76 -24.04
C ALA A 153 -6.46 -3.32 -25.16
N ILE A 154 -5.99 -2.39 -25.99
CA ILE A 154 -6.75 -1.95 -27.17
C ILE A 154 -6.84 -3.06 -28.22
N LEU A 155 -5.73 -3.77 -28.45
CA LEU A 155 -5.70 -4.89 -29.39
C LEU A 155 -6.62 -6.03 -28.97
N ASN A 156 -6.71 -6.29 -27.67
CA ASN A 156 -7.60 -7.33 -27.14
C ASN A 156 -9.09 -6.99 -27.28
N LEU A 157 -9.38 -5.80 -27.76
CA LEU A 157 -10.76 -5.39 -28.05
C LEU A 157 -11.06 -5.42 -29.55
N GLY A 158 -10.15 -6.02 -30.32
CA GLY A 158 -10.32 -6.19 -31.77
C GLY A 158 -10.13 -4.93 -32.59
N ALA A 159 -9.51 -3.92 -31.98
CA ALA A 159 -9.24 -2.66 -32.65
C ALA A 159 -7.82 -2.63 -33.19
N GLU A 160 -7.61 -1.86 -34.25
CA GLU A 160 -6.27 -1.60 -34.78
C GLU A 160 -5.59 -0.58 -33.88
N CYS A 161 -4.36 -0.85 -33.49
CA CYS A 161 -3.60 0.08 -32.66
C CYS A 161 -2.21 0.31 -33.23
N ILE A 162 -1.91 1.57 -33.51
CA ILE A 162 -0.64 1.95 -34.13
C ILE A 162 0.12 2.94 -33.26
N VAL A 163 1.31 2.53 -32.83
CA VAL A 163 2.19 3.39 -32.04
C VAL A 163 3.09 4.18 -32.99
N THR A 164 3.04 5.51 -32.88
CA THR A 164 3.84 6.39 -33.74
C THR A 164 5.14 6.80 -33.05
N ASP A 165 6.00 7.51 -33.77
CA ASP A 165 7.21 8.07 -33.20
C ASP A 165 7.10 9.58 -32.96
N MET A 166 5.85 10.07 -32.97
CA MET A 166 5.56 11.47 -32.71
C MET A 166 4.91 11.63 -31.34
N ASN A 167 4.85 12.86 -30.84
CA ASN A 167 4.16 13.16 -29.58
C ASN A 167 2.63 13.15 -29.77
N TYR A 168 1.90 13.28 -28.67
CA TYR A 168 0.44 13.25 -28.69
C TYR A 168 -0.18 14.19 -29.73
N ASP A 169 0.19 15.47 -29.67
CA ASP A 169 -0.37 16.51 -30.55
C ASP A 169 -0.16 16.19 -32.03
N ASP A 170 1.05 15.75 -32.38
CA ASP A 170 1.39 15.39 -33.75
C ASP A 170 0.73 14.08 -34.20
N THR A 171 0.38 13.23 -33.24
CA THR A 171 -0.30 11.97 -33.53
C THR A 171 -1.78 12.23 -33.84
N VAL A 172 -2.37 13.21 -33.15
CA VAL A 172 -3.76 13.60 -33.36
C VAL A 172 -4.02 14.05 -34.81
N ARG A 173 -3.09 14.84 -35.35
CA ARG A 173 -3.20 15.36 -36.71
C ARG A 173 -3.08 14.23 -37.74
N LEU A 174 -2.27 13.22 -37.43
CA LEU A 174 -2.12 12.05 -38.27
C LEU A 174 -3.43 11.26 -38.34
N THR A 175 -4.08 11.13 -37.18
CA THR A 175 -5.39 10.47 -37.09
C THR A 175 -6.43 11.22 -37.91
N MET A 176 -6.40 12.56 -37.82
CA MET A 176 -7.31 13.41 -38.59
C MET A 176 -7.06 13.33 -40.09
N GLN A 177 -5.80 13.42 -40.49
CA GLN A 177 -5.41 13.37 -41.91
C GLN A 177 -5.75 12.02 -42.55
N HIS A 178 -5.62 10.95 -41.77
CA HIS A 178 -5.98 9.60 -42.21
C HIS A 178 -7.48 9.39 -42.24
N ALA A 179 -8.18 10.10 -41.37
CA ALA A 179 -9.63 9.99 -41.27
C ALA A 179 -10.35 10.59 -42.48
N GLN A 180 -9.95 11.79 -42.87
CA GLN A 180 -10.51 12.46 -44.05
C GLN A 180 -10.11 11.75 -45.34
N GLN A 181 -8.95 11.09 -45.31
CA GLN A 181 -8.43 10.34 -46.44
C GLN A 181 -9.19 9.02 -46.67
N HIS A 182 -9.45 8.30 -45.58
CA HIS A 182 -10.07 6.97 -45.66
C HIS A 182 -11.53 6.96 -45.28
N GLY A 183 -12.09 8.12 -45.00
CA GLY A 183 -13.50 8.26 -44.62
C GLY A 183 -13.80 7.69 -43.23
N TRP A 184 -12.92 7.96 -42.29
CA TRP A 184 -13.12 7.54 -40.89
C TRP A 184 -13.79 8.62 -40.11
N GLU A 185 -14.51 8.21 -39.06
CA GLU A 185 -15.17 9.14 -38.15
C GLU A 185 -14.28 9.41 -36.93
N VAL A 186 -13.83 10.65 -36.79
CA VAL A 186 -12.98 11.05 -35.67
C VAL A 186 -13.80 11.09 -34.38
N VAL A 187 -13.30 10.43 -33.34
CA VAL A 187 -13.95 10.44 -32.02
C VAL A 187 -12.97 10.91 -30.94
N GLN A 188 -12.74 12.22 -30.88
CA GLN A 188 -11.85 12.78 -29.86
C GLN A 188 -12.62 13.31 -28.65
N ASP A 189 -12.00 13.20 -27.48
CA ASP A 189 -12.58 13.71 -26.24
C ASP A 189 -12.27 15.19 -26.01
N THR A 190 -12.00 15.92 -27.09
CA THR A 190 -11.78 17.36 -27.03
C THR A 190 -12.45 18.08 -28.20
N ALA A 191 -12.70 19.38 -28.01
CA ALA A 191 -13.43 20.17 -29.01
C ALA A 191 -12.55 21.19 -29.72
N TRP A 192 -12.92 21.49 -30.96
CA TRP A 192 -12.35 22.60 -31.71
C TRP A 192 -13.38 23.11 -32.69
N GLU A 193 -13.07 24.20 -33.38
CA GLU A 193 -13.97 24.78 -34.38
C GLU A 193 -14.36 23.76 -35.45
N GLY A 194 -15.64 23.43 -35.49
CA GLY A 194 -16.16 22.44 -36.43
C GLY A 194 -16.22 21.03 -35.87
N TYR A 195 -16.06 20.92 -34.55
CA TYR A 195 -16.06 19.63 -33.86
C TYR A 195 -16.44 19.78 -32.38
N THR A 196 -17.75 19.77 -32.10
CA THR A 196 -18.26 19.95 -30.75
C THR A 196 -19.37 18.95 -30.41
N LYS A 197 -19.98 18.39 -31.45
CA LYS A 197 -21.06 17.41 -31.31
C LYS A 197 -20.62 16.21 -30.46
N ILE A 198 -19.58 15.52 -30.92
CA ILE A 198 -19.06 14.32 -30.28
C ILE A 198 -18.57 14.57 -28.83
N PRO A 199 -17.69 15.57 -28.62
CA PRO A 199 -17.22 15.84 -27.26
C PRO A 199 -18.30 16.28 -26.27
N THR A 200 -19.43 16.78 -26.77
CA THR A 200 -20.56 17.14 -25.92
C THR A 200 -21.18 15.89 -25.29
N TRP A 201 -21.44 14.89 -26.12
CA TRP A 201 -21.98 13.62 -25.65
C TRP A 201 -21.05 12.98 -24.67
N ILE A 202 -19.76 13.00 -24.98
CA ILE A 202 -18.72 12.49 -24.11
C ILE A 202 -18.82 13.10 -22.70
N MET A 203 -18.88 14.43 -22.61
CA MET A 203 -18.97 15.11 -21.32
C MET A 203 -20.29 14.85 -20.60
N GLN A 204 -21.38 14.76 -21.36
CA GLN A 204 -22.67 14.39 -20.81
C GLN A 204 -22.64 12.96 -20.27
N GLY A 205 -21.97 12.08 -21.03
CA GLY A 205 -21.76 10.70 -20.62
C GLY A 205 -20.95 10.56 -19.34
N TYR A 206 -19.86 11.33 -19.24
CA TYR A 206 -19.01 11.34 -18.05
C TYR A 206 -19.79 11.65 -16.76
N ALA A 207 -20.78 12.53 -16.89
CA ALA A 207 -21.56 13.01 -15.75
C ALA A 207 -22.36 11.92 -15.02
N THR A 208 -22.38 10.72 -15.58
CA THR A 208 -23.00 9.57 -14.93
C THR A 208 -22.36 9.31 -13.57
N LEU A 209 -21.03 9.32 -13.52
CA LEU A 209 -20.29 9.13 -12.27
C LEU A 209 -20.66 10.22 -11.25
N ALA A 210 -20.95 11.42 -11.74
CA ALA A 210 -21.36 12.54 -10.90
C ALA A 210 -22.78 12.33 -10.36
N ASP A 211 -23.65 11.76 -11.21
CA ASP A 211 -25.01 11.41 -10.80
C ASP A 211 -24.98 10.27 -9.78
N GLU A 212 -24.09 9.31 -10.01
CA GLU A 212 -23.89 8.20 -9.08
C GLU A 212 -23.37 8.71 -7.73
N ALA A 213 -22.35 9.57 -7.79
CA ALA A 213 -21.75 10.16 -6.59
C ALA A 213 -22.78 10.88 -5.73
N VAL A 214 -23.59 11.74 -6.36
CA VAL A 214 -24.62 12.51 -5.67
C VAL A 214 -25.62 11.58 -4.97
N GLU A 215 -26.11 10.57 -5.71
CA GLU A 215 -27.00 9.54 -5.15
C GLU A 215 -26.37 8.86 -3.92
N GLN A 216 -25.08 8.54 -4.01
CA GLN A 216 -24.37 7.86 -2.93
C GLN A 216 -24.08 8.77 -1.72
N MET A 217 -23.88 10.06 -1.99
CA MET A 217 -23.66 11.04 -0.94
C MET A 217 -24.97 11.34 -0.19
N ARG A 218 -26.08 11.25 -0.90
CA ARG A 218 -27.40 11.40 -0.29
C ARG A 218 -27.77 10.16 0.54
N GLU A 219 -27.26 9.01 0.12
CA GLU A 219 -27.41 7.76 0.86
C GLU A 219 -26.66 7.84 2.19
N MET A 220 -25.48 8.45 2.15
CA MET A 220 -24.66 8.65 3.35
C MET A 220 -25.21 9.75 4.25
N GLY A 221 -26.15 10.53 3.71
CA GLY A 221 -26.73 11.65 4.43
C GLY A 221 -25.74 12.77 4.64
N VAL A 222 -24.97 13.08 3.60
CA VAL A 222 -23.99 14.16 3.65
C VAL A 222 -24.08 15.09 2.43
N THR A 223 -23.67 16.34 2.63
CA THR A 223 -23.56 17.31 1.55
C THR A 223 -22.09 17.69 1.39
N PRO A 224 -21.53 17.52 0.18
CA PRO A 224 -20.14 17.88 -0.07
C PRO A 224 -19.91 19.39 -0.01
N THR A 225 -18.78 19.79 0.55
CA THR A 225 -18.40 21.20 0.60
C THR A 225 -17.33 21.48 -0.46
N HIS A 226 -16.55 20.46 -0.78
CA HIS A 226 -15.44 20.56 -1.72
C HIS A 226 -15.48 19.50 -2.78
N VAL A 227 -14.86 19.80 -3.93
CA VAL A 227 -14.61 18.78 -4.96
C VAL A 227 -13.29 19.05 -5.68
N LEU A 228 -12.44 18.03 -5.73
CA LEU A 228 -11.21 18.09 -6.50
C LEU A 228 -11.39 17.30 -7.80
N LEU A 229 -10.99 17.92 -8.91
CA LEU A 229 -11.15 17.31 -10.23
C LEU A 229 -9.87 17.45 -11.03
N GLN A 230 -9.22 16.32 -11.32
CA GLN A 230 -8.04 16.31 -12.18
C GLN A 230 -8.44 16.62 -13.62
N ALA A 231 -7.68 17.50 -14.26
CA ALA A 231 -8.05 17.95 -15.62
C ALA A 231 -6.91 17.88 -16.62
N GLY A 232 -7.14 17.13 -17.69
CA GLY A 232 -6.23 17.08 -18.85
C GLY A 232 -6.60 18.21 -19.80
N VAL A 233 -7.59 17.97 -20.65
CA VAL A 233 -8.15 19.03 -21.50
C VAL A 233 -9.31 19.75 -20.81
N GLY A 234 -9.95 19.06 -19.86
CA GLY A 234 -11.04 19.63 -19.08
C GLY A 234 -12.41 19.07 -19.43
N ALA A 235 -12.43 17.95 -20.18
CA ALA A 235 -13.68 17.31 -20.58
C ALA A 235 -14.42 16.70 -19.39
N MET A 236 -13.71 15.93 -18.57
CA MET A 236 -14.29 15.31 -17.38
C MET A 236 -14.65 16.36 -16.33
N ALA A 237 -13.73 17.26 -16.02
CA ALA A 237 -13.97 18.32 -15.05
C ALA A 237 -15.18 19.17 -15.42
N GLY A 238 -15.26 19.55 -16.70
CA GLY A 238 -16.40 20.31 -17.21
C GLY A 238 -17.73 19.60 -17.02
N GLY A 239 -17.80 18.36 -17.50
CA GLY A 239 -19.01 17.54 -17.43
C GLY A 239 -19.45 17.25 -16.01
N VAL A 240 -18.49 16.85 -15.18
CA VAL A 240 -18.76 16.51 -13.78
C VAL A 240 -19.11 17.74 -12.95
N LEU A 241 -18.33 18.81 -13.09
CA LEU A 241 -18.61 20.05 -12.37
C LEU A 241 -19.94 20.65 -12.80
N GLY A 242 -20.19 20.66 -14.11
CA GLY A 242 -21.46 21.12 -14.66
C GLY A 242 -22.66 20.46 -14.05
N TYR A 243 -22.55 19.16 -13.75
CA TYR A 243 -23.61 18.41 -13.08
C TYR A 243 -23.70 18.78 -11.60
N LEU A 244 -22.57 18.70 -10.91
CA LEU A 244 -22.47 19.00 -9.48
C LEU A 244 -22.94 20.41 -9.14
N VAL A 245 -22.59 21.36 -9.99
CA VAL A 245 -22.96 22.76 -9.84
C VAL A 245 -24.47 22.98 -10.03
N ASP A 246 -25.08 22.17 -10.89
CA ASP A 246 -26.54 22.23 -11.10
C ASP A 246 -27.30 21.59 -9.91
N VAL A 247 -26.58 20.81 -9.11
CA VAL A 247 -27.16 20.16 -7.93
C VAL A 247 -26.97 21.00 -6.67
N TYR A 248 -25.76 21.52 -6.49
CA TYR A 248 -25.38 22.18 -5.23
C TYR A 248 -25.18 23.70 -5.33
N SER A 249 -25.32 24.24 -6.54
CA SER A 249 -25.02 25.65 -6.86
C SER A 249 -23.51 25.94 -6.79
N PRO A 250 -22.98 26.69 -7.77
CA PRO A 250 -21.53 26.93 -7.85
C PRO A 250 -20.97 27.75 -6.69
N GLN A 251 -21.83 28.53 -6.04
CA GLN A 251 -21.42 29.39 -4.91
C GLN A 251 -21.21 28.59 -3.62
N ASN A 252 -21.84 27.42 -3.52
CA ASN A 252 -21.78 26.60 -2.31
C ASN A 252 -20.97 25.32 -2.48
N LEU A 253 -20.12 25.30 -3.51
CA LEU A 253 -19.23 24.19 -3.76
C LEU A 253 -17.83 24.74 -4.07
N HIS A 254 -16.88 24.40 -3.21
CA HIS A 254 -15.50 24.84 -3.39
C HIS A 254 -14.79 23.88 -4.31
N SER A 255 -14.80 24.19 -5.60
CA SER A 255 -14.26 23.30 -6.61
C SER A 255 -12.80 23.61 -6.94
N ILE A 256 -11.99 22.57 -7.01
CA ILE A 256 -10.56 22.72 -7.27
C ILE A 256 -10.13 21.86 -8.45
N ILE A 257 -9.50 22.49 -9.44
CA ILE A 257 -9.03 21.80 -10.63
C ILE A 257 -7.52 21.56 -10.52
N VAL A 258 -7.12 20.31 -10.65
CA VAL A 258 -5.75 19.88 -10.39
C VAL A 258 -5.05 19.47 -11.68
N GLU A 259 -3.86 20.04 -11.91
CA GLU A 259 -3.05 19.75 -13.09
C GLU A 259 -1.56 19.60 -12.76
N PRO A 260 -0.86 18.72 -13.49
CA PRO A 260 0.61 18.67 -13.42
C PRO A 260 1.21 19.93 -14.04
N ASP A 261 2.31 20.41 -13.47
CA ASP A 261 2.87 21.71 -13.86
C ASP A 261 3.55 21.76 -15.23
N LYS A 262 3.77 20.58 -15.83
CA LYS A 262 4.38 20.50 -17.16
C LYS A 262 3.36 20.66 -18.29
N ALA A 263 2.08 20.45 -17.97
CA ALA A 263 0.99 20.60 -18.94
C ALA A 263 -0.26 21.23 -18.32
N ASP A 264 -0.04 22.20 -17.43
CA ASP A 264 -1.12 22.88 -16.72
C ASP A 264 -1.83 23.91 -17.60
N CYS A 265 -2.48 23.44 -18.67
CA CYS A 265 -3.11 24.32 -19.66
C CYS A 265 -4.29 25.13 -19.12
N ILE A 266 -5.14 24.49 -18.33
CA ILE A 266 -6.29 25.15 -17.71
C ILE A 266 -5.88 26.16 -16.65
N TYR A 267 -4.86 25.80 -15.87
CA TYR A 267 -4.28 26.71 -14.88
C TYR A 267 -3.79 28.00 -15.53
N ARG A 268 -2.99 27.86 -16.59
CA ARG A 268 -2.44 29.00 -17.31
C ARG A 268 -3.54 29.83 -18.00
N SER A 269 -4.59 29.15 -18.44
CA SER A 269 -5.75 29.82 -19.04
C SER A 269 -6.54 30.62 -18.01
N GLY A 270 -6.61 30.09 -16.79
CA GLY A 270 -7.31 30.77 -15.69
C GLY A 270 -6.56 32.00 -15.19
N VAL A 271 -5.28 32.07 -15.49
CA VAL A 271 -4.45 33.23 -15.17
C VAL A 271 -4.64 34.34 -16.21
N LYS A 272 -4.59 33.95 -17.49
CA LYS A 272 -4.72 34.90 -18.60
C LYS A 272 -6.16 35.34 -18.81
N GLY A 273 -7.08 34.38 -18.76
CA GLY A 273 -8.50 34.65 -19.01
C GLY A 273 -9.00 34.15 -20.35
N ASP A 274 -8.12 33.51 -21.10
CA ASP A 274 -8.48 32.86 -22.37
C ASP A 274 -7.56 31.68 -22.67
N ILE A 275 -7.85 30.98 -23.77
CA ILE A 275 -7.14 29.75 -24.16
C ILE A 275 -5.63 29.93 -24.30
N VAL A 276 -4.88 29.13 -23.54
CA VAL A 276 -3.41 29.13 -23.58
C VAL A 276 -2.90 27.73 -23.95
N ASN A 277 -1.99 27.67 -24.92
CA ASN A 277 -1.38 26.41 -25.36
C ASN A 277 -0.14 26.04 -24.54
N VAL A 278 -0.04 24.76 -24.18
CA VAL A 278 1.08 24.25 -23.38
C VAL A 278 2.11 23.51 -24.24
N THR A 284 5.84 12.41 -21.80
CA THR A 284 6.42 13.50 -21.01
C THR A 284 5.72 13.66 -19.66
N ILE A 285 4.39 13.80 -19.69
CA ILE A 285 3.58 13.96 -18.49
C ILE A 285 2.91 12.64 -18.09
N MET A 286 2.10 12.68 -17.01
CA MET A 286 1.36 11.51 -16.54
C MET A 286 0.23 11.13 -17.50
N ALA A 287 0.20 9.86 -17.91
CA ALA A 287 -0.76 9.36 -18.89
C ALA A 287 -2.20 9.66 -18.48
N GLY A 288 -2.88 10.45 -19.30
CA GLY A 288 -4.27 10.80 -19.06
C GLY A 288 -4.51 12.29 -18.89
N LEU A 289 -3.50 12.99 -18.38
CA LEU A 289 -3.64 14.42 -18.09
C LEU A 289 -2.86 15.33 -19.05
N ALA A 290 -2.44 14.77 -20.18
CA ALA A 290 -1.84 15.56 -21.25
C ALA A 290 -2.88 16.50 -21.85
N CYS A 291 -2.44 17.68 -22.27
CA CYS A 291 -3.35 18.70 -22.77
C CYS A 291 -2.97 19.22 -24.17
N GLY A 292 -2.06 20.19 -24.21
CA GLY A 292 -1.73 20.87 -25.46
C GLY A 292 -2.54 22.15 -25.59
N GLU A 293 -3.86 22.02 -25.51
CA GLU A 293 -4.77 23.16 -25.52
C GLU A 293 -6.11 22.77 -24.88
N PRO A 294 -6.67 23.64 -24.01
CA PRO A 294 -7.87 23.32 -23.25
C PRO A 294 -9.10 23.04 -24.12
N ASN A 295 -10.00 22.21 -23.60
CA ASN A 295 -11.26 21.89 -24.24
C ASN A 295 -12.24 23.06 -24.04
N PRO A 296 -12.62 23.74 -25.14
CA PRO A 296 -13.49 24.93 -25.10
C PRO A 296 -14.81 24.71 -24.35
N LEU A 297 -15.45 23.55 -24.56
CA LEU A 297 -16.71 23.23 -23.89
C LEU A 297 -16.50 23.02 -22.39
N GLY A 298 -15.37 22.40 -22.04
CA GLY A 298 -14.99 22.22 -20.65
C GLY A 298 -14.54 23.53 -20.02
N TRP A 299 -13.76 24.30 -20.77
CA TRP A 299 -13.24 25.58 -20.33
C TRP A 299 -14.31 26.56 -19.96
N GLU A 300 -15.40 26.56 -20.72
CA GLU A 300 -16.56 27.42 -20.46
C GLU A 300 -17.18 27.11 -19.08
N ILE A 301 -17.15 25.85 -18.67
CA ILE A 301 -17.71 25.44 -17.38
C ILE A 301 -16.80 25.90 -16.24
N LEU A 302 -15.51 25.60 -16.37
CA LEU A 302 -14.53 25.87 -15.33
C LEU A 302 -14.30 27.38 -15.16
N ARG A 303 -14.20 28.10 -16.27
CA ARG A 303 -14.03 29.55 -16.21
C ARG A 303 -15.19 30.19 -15.42
N ASN A 304 -16.39 29.65 -15.62
CA ASN A 304 -17.58 30.17 -14.97
C ASN A 304 -17.78 29.72 -13.53
N CYS A 305 -17.41 28.47 -13.23
CA CYS A 305 -17.83 27.83 -11.98
C CYS A 305 -16.72 27.24 -11.10
N ALA A 306 -15.49 27.17 -11.62
CA ALA A 306 -14.35 26.70 -10.83
C ALA A 306 -13.92 27.76 -9.80
N THR A 307 -13.67 27.32 -8.58
CA THR A 307 -13.25 28.21 -7.51
C THR A 307 -11.74 28.47 -7.60
N GLN A 308 -10.96 27.39 -7.70
CA GLN A 308 -9.51 27.49 -7.75
C GLN A 308 -8.86 26.54 -8.74
N PHE A 309 -7.71 26.94 -9.27
CA PHE A 309 -6.89 26.08 -10.14
C PHE A 309 -5.57 25.75 -9.45
N ILE A 310 -5.15 24.48 -9.54
CA ILE A 310 -3.89 24.05 -8.95
C ILE A 310 -2.91 23.52 -10.00
N SER A 311 -1.69 24.04 -9.97
CA SER A 311 -0.59 23.54 -10.78
C SER A 311 0.45 22.89 -9.86
N CYS A 312 0.59 21.58 -9.93
CA CYS A 312 1.41 20.85 -8.97
C CYS A 312 2.54 19.99 -9.57
N GLN A 313 3.49 19.65 -8.70
CA GLN A 313 4.64 18.80 -9.03
C GLN A 313 4.20 17.40 -9.43
N ASP A 314 4.98 16.76 -10.29
CA ASP A 314 4.67 15.41 -10.80
C ASP A 314 4.45 14.40 -9.67
N SER A 315 5.33 14.44 -8.67
CA SER A 315 5.36 13.45 -7.59
C SER A 315 4.17 13.54 -6.61
N VAL A 316 3.33 14.56 -6.79
CA VAL A 316 2.09 14.70 -6.00
C VAL A 316 1.15 13.55 -6.36
N ALA A 317 1.10 13.20 -7.64
CA ALA A 317 0.30 12.07 -8.13
C ALA A 317 0.77 10.75 -7.53
N ALA A 318 2.08 10.54 -7.52
CA ALA A 318 2.70 9.35 -6.93
C ALA A 318 2.39 9.21 -5.44
N LEU A 319 2.39 10.34 -4.73
CA LEU A 319 2.02 10.37 -3.31
C LEU A 319 0.58 9.88 -3.11
N GLY A 320 -0.33 10.36 -3.97
CA GLY A 320 -1.73 9.95 -3.92
C GLY A 320 -1.94 8.46 -4.14
N MET A 321 -1.18 7.90 -5.10
CA MET A 321 -1.23 6.49 -5.42
C MET A 321 -0.95 5.65 -4.19
N ARG A 322 0.09 6.04 -3.44
CA ARG A 322 0.55 5.30 -2.28
C ARG A 322 -0.41 5.40 -1.11
N VAL A 323 -0.96 6.61 -0.89
CA VAL A 323 -1.90 6.84 0.20
C VAL A 323 -3.19 6.04 -0.02
N LEU A 324 -3.67 5.99 -1.27
CA LEU A 324 -4.86 5.24 -1.62
C LEU A 324 -4.63 3.73 -1.59
N GLY A 325 -3.46 3.31 -2.08
CA GLY A 325 -3.08 1.89 -2.13
C GLY A 325 -2.74 1.28 -0.78
N ASN A 326 -2.28 2.12 0.15
CA ASN A 326 -2.05 1.69 1.52
C ASN A 326 -2.74 2.67 2.47
N PRO A 327 -4.05 2.46 2.70
CA PRO A 327 -4.87 3.42 3.45
C PRO A 327 -4.51 3.51 4.93
N TYR A 328 -4.91 4.61 5.55
CA TYR A 328 -4.66 4.88 6.96
C TYR A 328 -5.79 4.26 7.80
N GLY A 329 -5.44 3.79 9.00
CA GLY A 329 -6.40 3.20 9.92
C GLY A 329 -7.15 2.01 9.34
N ASN A 330 -8.48 2.08 9.39
CA ASN A 330 -9.35 1.01 8.87
C ASN A 330 -10.06 1.39 7.56
N ASP A 331 -9.57 2.43 6.88
CA ASP A 331 -10.14 2.89 5.63
C ASP A 331 -10.02 1.84 4.52
N PRO A 332 -11.01 1.79 3.60
CA PRO A 332 -10.96 0.85 2.48
C PRO A 332 -9.82 1.17 1.51
N ARG A 333 -9.27 0.14 0.89
CA ARG A 333 -8.15 0.28 -0.03
C ARG A 333 -8.62 0.55 -1.47
N ILE A 334 -7.92 1.45 -2.15
CA ILE A 334 -8.27 1.80 -3.54
C ILE A 334 -7.04 1.73 -4.44
N ILE A 335 -7.17 0.99 -5.54
CA ILE A 335 -6.14 0.92 -6.56
C ILE A 335 -6.32 2.11 -7.50
N SER A 336 -5.34 3.01 -7.51
CA SER A 336 -5.45 4.23 -8.29
C SER A 336 -4.18 4.54 -9.07
N GLY A 337 -4.35 4.72 -10.39
CA GLY A 337 -3.25 5.08 -11.29
C GLY A 337 -2.78 6.52 -11.13
N GLU A 338 -1.72 6.87 -11.86
CA GLU A 338 -1.03 8.15 -11.67
C GLU A 338 -1.96 9.35 -11.84
N SER A 339 -2.73 9.38 -12.92
CA SER A 339 -3.67 10.46 -13.18
C SER A 339 -4.92 10.37 -12.29
N GLY A 340 -5.20 9.17 -11.79
CA GLY A 340 -6.38 8.94 -10.96
C GLY A 340 -6.22 9.34 -9.51
N ALA A 341 -4.99 9.55 -9.07
CA ALA A 341 -4.69 9.76 -7.66
C ALA A 341 -4.23 11.17 -7.33
N VAL A 342 -3.96 11.97 -8.36
CA VAL A 342 -3.39 13.30 -8.21
C VAL A 342 -4.26 14.26 -7.37
N GLY A 343 -5.58 14.12 -7.48
CA GLY A 343 -6.52 14.87 -6.65
C GLY A 343 -6.33 14.56 -5.17
N LEU A 344 -6.34 13.27 -4.84
CA LEU A 344 -6.07 12.82 -3.48
C LEU A 344 -4.65 13.21 -3.04
N GLY A 345 -3.72 13.16 -3.98
CA GLY A 345 -2.32 13.53 -3.74
C GLY A 345 -2.17 14.95 -3.22
N VAL A 346 -2.98 15.86 -3.77
CA VAL A 346 -3.01 17.27 -3.34
C VAL A 346 -3.28 17.39 -1.85
N LEU A 347 -4.35 16.75 -1.37
CA LEU A 347 -4.72 16.76 0.04
C LEU A 347 -3.60 16.23 0.95
N ALA A 348 -2.86 15.23 0.46
CA ALA A 348 -1.75 14.66 1.22
C ALA A 348 -0.51 15.56 1.19
N ALA A 349 -0.26 16.20 0.05
CA ALA A 349 0.87 17.12 -0.09
C ALA A 349 0.70 18.37 0.76
N VAL A 350 -0.55 18.79 0.92
CA VAL A 350 -0.89 19.94 1.77
C VAL A 350 -0.67 19.60 3.24
N HIS A 351 -1.10 18.40 3.65
CA HIS A 351 -1.00 17.97 5.04
C HIS A 351 0.41 17.91 5.57
N TYR A 352 1.33 17.41 4.76
CA TYR A 352 2.73 17.25 5.17
C TYR A 352 3.60 18.48 4.86
N HIS A 353 3.00 19.50 4.26
CA HIS A 353 3.71 20.73 3.91
C HIS A 353 4.01 21.52 5.16
N PRO A 354 5.16 22.22 5.18
CA PRO A 354 5.47 23.11 6.31
C PRO A 354 4.41 24.20 6.48
N GLN A 355 3.97 24.75 5.35
CA GLN A 355 2.94 25.79 5.34
C GLN A 355 1.53 25.19 5.23
N ARG A 356 1.33 24.07 5.92
CA ARG A 356 0.06 23.36 6.00
C ARG A 356 -1.14 24.27 6.34
N GLN A 357 -0.97 25.10 7.36
CA GLN A 357 -2.06 25.93 7.87
C GLN A 357 -2.55 26.98 6.87
N SER A 358 -1.62 27.68 6.23
CA SER A 358 -1.96 28.72 5.25
C SER A 358 -2.48 28.15 3.94
N LEU A 359 -2.03 26.94 3.58
CA LEU A 359 -2.51 26.24 2.39
C LEU A 359 -3.93 25.73 2.57
N MET A 360 -4.21 25.16 3.74
CA MET A 360 -5.57 24.74 4.11
C MET A 360 -6.52 25.93 4.22
N GLU A 361 -6.00 27.08 4.64
CA GLU A 361 -6.76 28.32 4.73
C GLU A 361 -7.24 28.78 3.35
N LYS A 362 -6.31 28.79 2.39
CA LYS A 362 -6.58 29.19 1.02
C LYS A 362 -7.58 28.29 0.31
N LEU A 363 -7.48 26.98 0.57
CA LEU A 363 -8.40 26.00 -0.03
C LEU A 363 -9.69 25.85 0.76
N ALA A 364 -9.85 26.68 1.79
CA ALA A 364 -11.03 26.67 2.68
C ALA A 364 -11.28 25.29 3.32
N LEU A 365 -10.19 24.59 3.60
CA LEU A 365 -10.25 23.25 4.21
C LEU A 365 -10.15 23.36 5.72
N ASN A 366 -11.17 22.84 6.40
CA ASN A 366 -11.24 22.85 7.86
C ASN A 366 -11.91 21.59 8.41
N LYS A 367 -12.17 21.60 9.72
CA LYS A 367 -12.75 20.46 10.45
C LYS A 367 -14.18 20.07 10.01
N ASP A 368 -14.80 20.92 9.18
CA ASP A 368 -16.16 20.70 8.70
C ASP A 368 -16.20 20.24 7.24
N ALA A 369 -15.08 20.38 6.55
CA ALA A 369 -14.99 20.14 5.11
C ALA A 369 -15.28 18.68 4.73
N VAL A 370 -16.15 18.52 3.73
CA VAL A 370 -16.50 17.23 3.17
C VAL A 370 -16.03 17.22 1.72
N VAL A 371 -14.98 16.45 1.43
CA VAL A 371 -14.27 16.56 0.16
C VAL A 371 -14.58 15.40 -0.78
N LEU A 372 -15.12 15.71 -1.95
CA LEU A 372 -15.31 14.72 -3.00
C LEU A 372 -14.04 14.60 -3.83
N VAL A 373 -13.62 13.37 -4.05
CA VAL A 373 -12.41 13.06 -4.81
C VAL A 373 -12.76 12.02 -5.87
N ILE A 374 -12.24 12.19 -7.08
CA ILE A 374 -12.50 11.23 -8.15
C ILE A 374 -11.23 10.45 -8.50
N SER A 375 -11.25 9.14 -8.24
CA SER A 375 -10.19 8.28 -8.70
C SER A 375 -10.54 7.82 -10.11
N THR A 376 -9.95 8.48 -11.10
CA THR A 376 -10.36 8.34 -12.50
C THR A 376 -9.93 7.01 -13.15
N GLU A 377 -8.85 6.42 -12.67
CA GLU A 377 -8.34 5.16 -13.20
C GLU A 377 -7.68 4.32 -12.11
N GLY A 378 -7.62 3.01 -12.36
CA GLY A 378 -6.86 2.09 -11.53
C GLY A 378 -5.49 1.84 -12.12
N ASP A 379 -4.95 0.65 -11.87
CA ASP A 379 -3.62 0.28 -12.33
C ASP A 379 -3.58 -0.10 -13.81
N THR A 380 -3.75 0.90 -14.67
CA THR A 380 -3.80 0.68 -16.12
C THR A 380 -2.44 0.30 -16.70
N ASP A 381 -1.38 0.78 -16.04
CA ASP A 381 -0.02 0.37 -16.34
C ASP A 381 0.58 -0.21 -15.05
N VAL A 382 0.42 -1.52 -14.88
CA VAL A 382 0.81 -2.22 -13.64
C VAL A 382 2.31 -2.10 -13.32
N LYS A 383 3.15 -2.13 -14.34
CA LYS A 383 4.59 -1.94 -14.20
C LYS A 383 4.88 -0.61 -13.51
N HIS A 384 4.27 0.46 -14.01
CA HIS A 384 4.40 1.80 -13.42
C HIS A 384 3.79 1.89 -12.05
N TYR A 385 2.59 1.33 -11.89
CA TYR A 385 1.89 1.36 -10.60
C TYR A 385 2.70 0.73 -9.46
N ARG A 386 3.29 -0.43 -9.72
CA ARG A 386 4.06 -1.15 -8.71
C ARG A 386 5.43 -0.51 -8.48
N GLU A 387 5.99 0.10 -9.52
CA GLU A 387 7.23 0.87 -9.37
C GLU A 387 7.02 2.05 -8.41
N VAL A 388 5.84 2.66 -8.46
CA VAL A 388 5.49 3.75 -7.55
C VAL A 388 5.21 3.23 -6.14
N VAL A 389 4.31 2.24 -6.01
CA VAL A 389 3.86 1.80 -4.69
C VAL A 389 4.81 0.84 -3.96
N TRP A 390 5.60 0.07 -4.70
CA TRP A 390 6.55 -0.87 -4.11
C TRP A 390 7.97 -0.37 -4.12
N GLU A 391 8.40 0.17 -5.25
CA GLU A 391 9.79 0.59 -5.41
C GLU A 391 10.05 1.99 -4.88
N GLY A 392 8.98 2.78 -4.76
CA GLY A 392 9.08 4.15 -4.27
C GLY A 392 9.59 5.11 -5.34
N LYS A 393 9.24 4.81 -6.59
CA LYS A 393 9.56 5.68 -7.72
C LYS A 393 8.84 7.01 -7.55
N HIS A 394 9.49 8.09 -7.99
CA HIS A 394 9.00 9.45 -7.81
C HIS A 394 8.68 9.71 -6.36
N ALA A 395 9.68 9.50 -5.51
CA ALA A 395 9.54 9.69 -4.07
C ALA A 395 9.50 11.16 -3.68
N VAL A 396 9.38 11.41 -2.38
CA VAL A 396 9.30 12.75 -1.83
C VAL A 396 10.64 13.51 -1.87
N ALA A 397 11.68 12.92 -1.28
CA ALA A 397 12.99 13.56 -1.19
C ALA A 397 13.96 12.98 -2.21
N SER B 2 10.30 -2.60 -12.86
CA SER B 2 11.71 -2.15 -13.03
C SER B 2 12.71 -3.20 -12.53
N VAL B 3 13.84 -3.28 -13.23
CA VAL B 3 14.93 -4.17 -12.85
C VAL B 3 15.93 -3.39 -12.00
N PHE B 4 16.25 -3.92 -10.82
CA PHE B 4 17.17 -3.25 -9.90
C PHE B 4 17.97 -4.23 -9.04
N SER B 5 19.14 -3.78 -8.56
CA SER B 5 20.04 -4.63 -7.79
C SER B 5 20.25 -4.15 -6.36
N LEU B 6 19.54 -4.78 -5.42
CA LEU B 6 19.76 -4.54 -4.00
C LEU B 6 20.67 -5.62 -3.44
N LYS B 7 21.57 -5.22 -2.53
CA LYS B 7 22.54 -6.12 -1.94
C LYS B 7 21.85 -7.31 -1.25
N ILE B 8 21.98 -8.48 -1.87
CA ILE B 8 21.49 -9.73 -1.29
C ILE B 8 22.66 -10.72 -1.24
N ASP B 9 23.42 -10.67 -0.15
CA ASP B 9 24.55 -11.56 0.03
C ASP B 9 24.08 -12.87 0.68
N ILE B 10 24.21 -13.96 -0.05
CA ILE B 10 23.81 -15.27 0.43
C ILE B 10 25.04 -16.10 0.75
N ALA B 11 25.11 -16.62 1.96
CA ALA B 11 26.18 -17.54 2.36
C ALA B 11 25.61 -18.87 2.81
N ASP B 12 26.07 -19.94 2.18
CA ASP B 12 25.79 -21.30 2.62
C ASP B 12 26.42 -21.54 3.99
N ASN B 13 25.69 -22.21 4.87
CA ASN B 13 26.19 -22.56 6.19
C ASN B 13 27.19 -23.71 6.13
N LYS B 14 28.47 -23.38 6.27
CA LYS B 14 29.54 -24.37 6.24
C LYS B 14 29.62 -25.20 7.52
N PHE B 15 28.92 -24.76 8.57
CA PHE B 15 28.95 -25.43 9.86
C PHE B 15 27.68 -26.24 10.14
N PHE B 16 26.82 -26.35 9.14
CA PHE B 16 25.58 -27.14 9.24
C PHE B 16 25.90 -28.59 9.57
N ASN B 17 25.22 -29.12 10.58
CA ASN B 17 25.38 -30.53 10.97
C ASN B 17 24.06 -31.27 11.21
N GLY B 18 22.97 -30.50 11.28
CA GLY B 18 21.63 -31.07 11.44
C GLY B 18 21.29 -31.55 12.84
N GLU B 19 21.98 -31.01 13.83
CA GLU B 19 21.75 -31.37 15.23
C GLU B 19 20.59 -30.56 15.81
N THR B 20 19.51 -31.26 16.16
CA THR B 20 18.33 -30.63 16.75
C THR B 20 18.56 -30.30 18.23
N SER B 21 17.64 -29.57 18.82
CA SER B 21 17.72 -29.21 20.24
C SER B 21 16.46 -29.68 20.97
N PRO B 22 16.60 -30.63 21.92
CA PRO B 22 15.46 -31.06 22.72
C PRO B 22 14.94 -29.96 23.65
N LEU B 23 15.81 -29.00 23.98
CA LEU B 23 15.43 -27.85 24.79
C LEU B 23 14.49 -26.87 24.06
N PHE B 24 14.65 -26.80 22.74
CA PHE B 24 13.73 -26.01 21.90
C PHE B 24 13.03 -26.91 20.88
N SER B 25 12.13 -27.75 21.37
CA SER B 25 11.42 -28.70 20.52
C SER B 25 9.91 -28.45 20.53
N GLN B 26 9.14 -29.45 20.09
CA GLN B 26 7.68 -29.36 20.07
C GLN B 26 7.06 -29.33 21.47
N SER B 27 7.63 -30.12 22.38
CA SER B 27 7.07 -30.31 23.72
C SER B 27 6.98 -29.03 24.54
N GLN B 28 8.10 -28.33 24.67
CA GLN B 28 8.16 -27.07 25.42
C GLN B 28 7.28 -26.00 24.77
N ALA B 29 7.30 -25.96 23.45
CA ALA B 29 6.50 -25.02 22.67
C ALA B 29 5.00 -25.18 22.95
N LYS B 30 4.55 -26.43 23.03
CA LYS B 30 3.15 -26.71 23.35
C LYS B 30 2.82 -26.36 24.79
N LEU B 31 3.79 -26.56 25.69
CA LEU B 31 3.64 -26.15 27.09
C LEU B 31 3.50 -24.62 27.18
N ALA B 32 4.30 -23.92 26.40
CA ALA B 32 4.23 -22.46 26.31
C ALA B 32 2.89 -22.00 25.73
N ARG B 33 2.43 -22.70 24.69
CA ARG B 33 1.13 -22.38 24.08
C ARG B 33 -0.03 -22.66 25.02
N GLN B 34 0.05 -23.77 25.76
CA GLN B 34 -0.94 -24.09 26.80
C GLN B 34 -1.08 -22.92 27.77
N PHE B 35 0.06 -22.29 28.10
CA PHE B 35 0.09 -21.12 28.99
C PHE B 35 -0.55 -19.89 28.35
N HIS B 36 -0.21 -19.63 27.09
CA HIS B 36 -0.73 -18.46 26.37
C HIS B 36 -2.22 -18.51 26.15
N GLN B 37 -2.73 -19.72 25.93
CA GLN B 37 -4.16 -19.97 25.74
C GLN B 37 -5.00 -19.57 26.96
N LYS B 38 -4.33 -19.37 28.09
CA LYS B 38 -5.00 -19.00 29.34
C LYS B 38 -5.03 -17.49 29.55
N ILE B 39 -4.32 -16.75 28.71
CA ILE B 39 -4.28 -15.29 28.79
C ILE B 39 -5.46 -14.68 28.05
N ALA B 40 -6.10 -13.70 28.70
CA ALA B 40 -7.24 -12.99 28.13
C ALA B 40 -6.90 -12.34 26.79
N GLY B 41 -7.72 -12.60 25.79
CA GLY B 41 -7.54 -12.04 24.45
C GLY B 41 -6.78 -12.93 23.49
N TYR B 42 -6.43 -14.14 23.95
CA TYR B 42 -5.69 -15.08 23.11
C TYR B 42 -6.45 -15.49 21.86
N ARG B 43 -5.74 -15.43 20.73
CA ARG B 43 -6.24 -15.89 19.45
C ARG B 43 -5.03 -16.15 18.54
N PRO B 44 -5.01 -17.31 17.87
CA PRO B 44 -3.96 -17.58 16.89
C PRO B 44 -3.89 -16.46 15.84
N THR B 45 -2.68 -15.95 15.60
CA THR B 45 -2.47 -14.88 14.63
C THR B 45 -2.57 -15.41 13.20
N PRO B 46 -3.17 -14.60 12.29
CA PRO B 46 -3.41 -15.05 10.93
C PRO B 46 -2.16 -15.52 10.21
N LEU B 47 -2.29 -16.65 9.51
CA LEU B 47 -1.29 -17.06 8.54
C LEU B 47 -1.85 -16.74 7.17
N CYS B 48 -1.42 -15.61 6.62
CA CYS B 48 -1.96 -15.11 5.37
C CYS B 48 -1.30 -15.79 4.18
N ALA B 49 -2.12 -16.21 3.24
CA ALA B 49 -1.64 -16.82 2.01
C ALA B 49 -1.57 -15.76 0.92
N LEU B 50 -0.36 -15.49 0.44
CA LEU B 50 -0.16 -14.54 -0.65
C LEU B 50 -0.06 -15.30 -1.98
N ASP B 51 -1.17 -15.91 -2.39
CA ASP B 51 -1.23 -16.73 -3.60
C ASP B 51 -0.78 -15.97 -4.86
N ASP B 52 -1.34 -14.78 -5.04
CA ASP B 52 -1.06 -13.98 -6.23
C ASP B 52 0.39 -13.49 -6.29
N LEU B 53 0.94 -13.14 -5.13
CA LEU B 53 2.34 -12.72 -5.04
C LEU B 53 3.28 -13.89 -5.34
N ALA B 54 2.89 -15.07 -4.84
CA ALA B 54 3.64 -16.30 -5.07
C ALA B 54 3.69 -16.67 -6.55
N ASN B 55 2.57 -16.47 -7.23
CA ASN B 55 2.49 -16.73 -8.67
C ASN B 55 3.40 -15.79 -9.45
N LEU B 56 3.44 -14.53 -9.04
CA LEU B 56 4.33 -13.54 -9.63
C LEU B 56 5.81 -13.86 -9.39
N PHE B 57 6.15 -14.25 -8.17
CA PHE B 57 7.55 -14.53 -7.80
C PHE B 57 8.04 -15.89 -8.28
N GLY B 58 7.13 -16.72 -8.81
CA GLY B 58 7.51 -18.01 -9.39
C GLY B 58 7.68 -19.13 -8.39
N VAL B 59 7.03 -19.01 -7.23
CA VAL B 59 6.98 -20.09 -6.24
C VAL B 59 5.55 -20.59 -6.07
N LYS B 60 5.38 -21.73 -5.42
CA LYS B 60 4.04 -22.29 -5.23
C LYS B 60 3.21 -21.44 -4.25
N LYS B 61 3.76 -21.20 -3.06
CA LYS B 61 3.04 -20.43 -2.05
C LYS B 61 3.94 -19.58 -1.18
N ILE B 62 3.41 -18.43 -0.76
CA ILE B 62 4.06 -17.58 0.24
C ILE B 62 3.04 -17.39 1.37
N LEU B 63 3.41 -17.85 2.56
CA LEU B 63 2.56 -17.74 3.74
C LEU B 63 3.20 -16.86 4.79
N VAL B 64 2.47 -15.84 5.25
CA VAL B 64 3.02 -14.85 6.16
C VAL B 64 2.34 -14.88 7.53
N LYS B 65 3.10 -15.27 8.54
CA LYS B 65 2.63 -15.23 9.93
C LYS B 65 2.61 -13.78 10.40
N ASP B 66 1.40 -13.24 10.58
CA ASP B 66 1.18 -11.83 10.87
C ASP B 66 1.12 -11.58 12.37
N GLU B 67 2.26 -11.26 12.97
CA GLU B 67 2.34 -11.09 14.41
C GLU B 67 1.91 -9.71 14.92
N SER B 68 1.44 -8.86 14.01
CA SER B 68 0.88 -7.55 14.37
C SER B 68 -0.42 -7.73 15.17
N LYS B 69 -1.00 -8.92 15.07
CA LYS B 69 -2.28 -9.23 15.70
C LYS B 69 -2.09 -9.86 17.09
N ARG B 70 -0.85 -9.93 17.55
CA ARG B 70 -0.53 -10.59 18.82
C ARG B 70 -0.93 -9.74 20.05
N PHE B 71 -2.09 -10.07 20.61
CA PHE B 71 -2.58 -9.50 21.89
C PHE B 71 -2.73 -7.98 21.94
N GLY B 72 -2.87 -7.33 20.78
CA GLY B 72 -2.94 -5.87 20.73
C GLY B 72 -1.62 -5.17 21.01
N LEU B 73 -0.52 -5.92 21.01
CA LEU B 73 0.81 -5.35 21.25
C LEU B 73 1.55 -4.96 19.96
N ASN B 74 0.98 -5.36 18.81
CA ASN B 74 1.52 -5.02 17.48
C ASN B 74 2.85 -5.73 17.13
N ALA B 75 3.21 -6.72 17.93
CA ALA B 75 4.43 -7.52 17.73
C ALA B 75 4.37 -8.86 18.47
N PHE B 76 5.27 -9.77 18.13
CA PHE B 76 5.26 -11.14 18.65
C PHE B 76 5.86 -11.30 20.05
N1 LLP B 77 11.67 -8.27 14.43
C2 LLP B 77 11.36 -7.37 15.39
C2' LLP B 77 10.49 -6.20 15.04
C3 LLP B 77 11.82 -7.52 16.68
O3 LLP B 77 11.49 -6.59 17.64
C4 LLP B 77 12.63 -8.61 17.00
C4' LLP B 77 13.12 -8.75 18.39
C5 LLP B 77 12.95 -9.53 15.98
C6 LLP B 77 12.45 -9.33 14.69
C5' LLP B 77 13.81 -10.75 16.19
OP4 LLP B 77 14.33 -10.76 17.51
P LLP B 77 15.74 -11.42 17.87
OP1 LLP B 77 16.32 -11.92 16.57
OP2 LLP B 77 16.51 -10.27 18.47
OP3 LLP B 77 15.33 -12.52 18.81
N LLP B 77 6.67 -10.33 20.45
CA LLP B 77 7.62 -10.50 21.57
CB LLP B 77 8.43 -9.21 21.72
CG LLP B 77 9.47 -9.14 20.60
CD LLP B 77 10.88 -9.07 21.14
CE LLP B 77 11.85 -9.66 20.15
NZ LLP B 77 12.36 -8.55 19.38
C LLP B 77 7.06 -10.90 22.91
O LLP B 77 7.76 -11.57 23.68
N MET B 78 5.82 -10.51 23.21
CA MET B 78 5.22 -10.85 24.50
C MET B 78 5.14 -12.36 24.76
N LEU B 79 5.01 -13.14 23.69
CA LEU B 79 5.02 -14.61 23.78
C LEU B 79 6.19 -15.11 24.61
N GLY B 80 7.35 -14.49 24.42
CA GLY B 80 8.54 -14.78 25.20
C GLY B 80 8.57 -14.05 26.53
N GLY B 81 8.47 -12.73 26.48
CA GLY B 81 8.57 -11.87 27.65
C GLY B 81 7.62 -12.25 28.78
N ALA B 82 6.35 -12.43 28.43
CA ALA B 82 5.32 -12.79 29.40
C ALA B 82 5.54 -14.17 29.99
N TYR B 83 6.00 -15.11 29.16
CA TYR B 83 6.28 -16.48 29.61
C TYR B 83 7.38 -16.52 30.65
N ALA B 84 8.47 -15.83 30.36
CA ALA B 84 9.62 -15.75 31.27
C ALA B 84 9.25 -15.10 32.59
N ILE B 85 8.46 -14.03 32.52
CA ILE B 85 8.02 -13.29 33.70
C ILE B 85 7.05 -14.10 34.57
N ALA B 86 6.19 -14.88 33.91
CA ALA B 86 5.29 -15.78 34.62
C ALA B 86 6.07 -16.90 35.32
N GLN B 87 7.09 -17.42 34.64
CA GLN B 87 7.95 -18.46 35.20
C GLN B 87 8.66 -17.98 36.46
N LEU B 88 9.21 -16.77 36.39
CA LEU B 88 9.92 -16.14 37.52
C LEU B 88 8.98 -15.90 38.71
N LEU B 89 7.79 -15.37 38.42
CA LEU B 89 6.74 -15.17 39.43
C LEU B 89 6.37 -16.48 40.12
N CYS B 90 6.22 -17.54 39.33
CA CYS B 90 5.92 -18.87 39.87
C CYS B 90 7.05 -19.45 40.72
N GLU B 91 8.29 -19.16 40.32
CA GLU B 91 9.47 -19.58 41.09
C GLU B 91 9.52 -18.91 42.46
N LYS B 92 9.32 -17.60 42.48
CA LYS B 92 9.31 -16.80 43.71
C LYS B 92 8.20 -17.24 44.66
N TYR B 93 7.02 -17.57 44.12
CA TYR B 93 5.87 -17.94 44.93
C TYR B 93 5.70 -19.45 45.11
N HIS B 94 6.64 -20.22 44.56
CA HIS B 94 6.64 -21.69 44.63
C HIS B 94 5.39 -22.30 44.04
N LEU B 95 5.03 -21.85 42.84
CA LEU B 95 3.84 -22.34 42.15
C LEU B 95 4.21 -23.18 40.94
N ASP B 96 3.31 -24.09 40.55
CA ASP B 96 3.45 -24.84 39.31
C ASP B 96 2.70 -24.11 38.20
N ILE B 97 3.45 -23.64 37.22
CA ILE B 97 2.92 -22.82 36.12
C ILE B 97 1.98 -23.59 35.18
N GLU B 98 2.13 -24.92 35.14
CA GLU B 98 1.38 -25.78 34.23
C GLU B 98 -0.04 -26.10 34.73
N THR B 99 -0.30 -25.86 36.00
CA THR B 99 -1.58 -26.28 36.61
C THR B 99 -2.48 -25.11 37.01
N LEU B 100 -2.07 -23.89 36.69
CA LEU B 100 -2.84 -22.70 37.06
C LEU B 100 -3.14 -21.77 35.88
N SER B 101 -4.11 -20.88 36.08
CA SER B 101 -4.50 -19.90 35.07
C SER B 101 -3.73 -18.59 35.22
N PHE B 102 -3.75 -17.79 34.15
CA PHE B 102 -3.14 -16.46 34.16
C PHE B 102 -3.86 -15.52 35.12
N GLU B 103 -5.18 -15.68 35.22
CA GLU B 103 -6.01 -14.90 36.16
C GLU B 103 -5.63 -15.21 37.61
N HIS B 104 -5.27 -16.46 37.88
CA HIS B 104 -4.79 -16.86 39.20
C HIS B 104 -3.49 -16.17 39.56
N LEU B 105 -2.62 -16.00 38.56
CA LEU B 105 -1.37 -15.28 38.75
C LEU B 105 -1.57 -13.78 38.92
N LYS B 106 -2.60 -13.25 38.25
CA LYS B 106 -2.97 -11.83 38.36
C LYS B 106 -3.30 -11.45 39.81
N ASN B 107 -4.08 -12.30 40.47
CA ASN B 107 -4.51 -12.05 41.85
C ASN B 107 -3.64 -12.72 42.91
N ALA B 108 -2.50 -13.27 42.47
CA ALA B 108 -1.56 -13.97 43.37
C ALA B 108 -1.00 -13.05 44.45
N ILE B 109 -0.75 -13.63 45.62
CA ILE B 109 -0.23 -12.89 46.77
C ILE B 109 1.26 -13.22 46.98
N GLY B 110 2.07 -12.18 47.14
CA GLY B 110 3.49 -12.34 47.42
C GLY B 110 4.23 -11.02 47.48
N GLU B 111 5.55 -11.09 47.67
CA GLU B 111 6.40 -9.90 47.69
C GLU B 111 6.54 -9.35 46.27
N LYS B 112 6.45 -8.02 46.14
CA LYS B 112 6.44 -7.34 44.84
C LYS B 112 7.79 -7.38 44.13
N MET B 113 7.76 -7.92 42.90
CA MET B 113 8.94 -8.00 42.04
C MET B 113 9.02 -6.79 41.11
N THR B 114 10.24 -6.42 40.75
CA THR B 114 10.48 -5.37 39.77
C THR B 114 11.37 -5.90 38.65
N PHE B 115 10.88 -5.78 37.42
CA PHE B 115 11.57 -6.31 36.24
C PHE B 115 12.26 -5.22 35.45
N ALA B 116 13.56 -5.38 35.23
CA ALA B 116 14.36 -4.39 34.51
C ALA B 116 14.87 -4.93 33.18
N THR B 117 14.74 -4.12 32.12
CA THR B 117 15.22 -4.52 30.79
C THR B 117 15.58 -3.37 29.86
N THR B 118 16.52 -3.64 28.95
CA THR B 118 16.86 -2.74 27.86
C THR B 118 16.21 -3.23 26.58
N THR B 119 15.62 -2.30 25.83
CA THR B 119 14.96 -2.60 24.56
C THR B 119 15.03 -1.41 23.63
N ASP B 120 14.93 -1.67 22.33
CA ASP B 120 14.75 -0.59 21.36
C ASP B 120 13.35 -0.64 20.76
N GLY B 121 12.45 -1.36 21.42
CA GLY B 121 11.06 -1.40 21.02
C GLY B 121 10.15 -2.41 21.70
N ASN B 122 10.08 -3.61 21.12
CA ASN B 122 9.03 -4.58 21.43
C ASN B 122 9.26 -5.45 22.67
N HIS B 123 10.49 -5.88 22.90
CA HIS B 123 10.82 -6.71 24.06
C HIS B 123 10.44 -6.06 25.35
N GLY B 124 10.84 -4.80 25.51
CA GLY B 124 10.49 -4.02 26.70
C GLY B 124 9.00 -3.84 26.85
N ARG B 125 8.31 -3.65 25.72
CA ARG B 125 6.86 -3.49 25.70
C ARG B 125 6.13 -4.73 26.20
N GLY B 126 6.64 -5.91 25.84
CA GLY B 126 6.12 -7.18 26.32
C GLY B 126 6.36 -7.38 27.80
N VAL B 127 7.54 -6.97 28.27
CA VAL B 127 7.89 -7.00 29.69
C VAL B 127 6.99 -6.05 30.47
N ALA B 128 6.90 -4.80 29.99
CA ALA B 128 6.02 -3.79 30.58
C ALA B 128 4.57 -4.27 30.65
N TRP B 129 4.15 -4.97 29.60
CA TRP B 129 2.78 -5.49 29.51
C TRP B 129 2.51 -6.56 30.51
N ALA B 130 3.43 -7.51 30.64
CA ALA B 130 3.24 -8.64 31.57
C ALA B 130 3.27 -8.20 33.02
N ALA B 131 4.14 -7.23 33.33
CA ALA B 131 4.25 -6.68 34.69
C ALA B 131 2.95 -6.00 35.12
N GLN B 132 2.33 -5.25 34.21
CA GLN B 132 1.07 -4.58 34.51
C GLN B 132 -0.05 -5.60 34.79
N GLN B 133 -0.13 -6.63 33.96
CA GLN B 133 -1.15 -7.67 34.09
C GLN B 133 -1.06 -8.38 35.45
N LEU B 134 0.16 -8.66 35.91
CA LEU B 134 0.37 -9.42 37.14
C LEU B 134 0.60 -8.54 38.37
N GLY B 135 0.28 -7.25 38.24
CA GLY B 135 0.44 -6.29 39.33
C GLY B 135 1.87 -6.15 39.85
N GLN B 136 2.84 -6.18 38.93
CA GLN B 136 4.24 -5.99 39.27
C GLN B 136 4.79 -4.70 38.65
N ASN B 137 6.03 -4.36 39.00
CA ASN B 137 6.69 -3.18 38.44
C ASN B 137 7.66 -3.51 37.30
N ALA B 138 7.88 -2.53 36.43
CA ALA B 138 8.82 -2.66 35.33
C ALA B 138 9.58 -1.36 35.12
N VAL B 139 10.91 -1.48 34.99
CA VAL B 139 11.77 -0.34 34.68
C VAL B 139 12.49 -0.64 33.37
N ILE B 140 12.09 0.05 32.32
CA ILE B 140 12.62 -0.19 30.97
C ILE B 140 13.58 0.91 30.55
N TYR B 141 14.75 0.52 30.06
CA TYR B 141 15.75 1.46 29.56
C TYR B 141 15.82 1.38 28.03
N MET B 142 15.89 2.54 27.38
CA MET B 142 15.99 2.60 25.92
C MET B 142 17.21 3.39 25.47
N PRO B 143 17.95 2.88 24.46
CA PRO B 143 19.16 3.52 23.96
C PRO B 143 18.89 4.84 23.24
N LYS B 144 19.96 5.59 22.96
CA LYS B 144 19.86 6.86 22.25
C LYS B 144 19.30 6.68 20.84
N GLY B 145 18.49 7.65 20.41
CA GLY B 145 17.89 7.61 19.07
C GLY B 145 16.68 6.70 19.01
N SER B 146 15.99 6.54 20.13
CA SER B 146 14.77 5.76 20.20
C SER B 146 13.56 6.60 19.82
N ALA B 147 12.60 5.97 19.15
CA ALA B 147 11.35 6.63 18.74
C ALA B 147 10.49 6.96 19.95
N GLN B 148 9.91 8.15 19.95
CA GLN B 148 9.07 8.62 21.06
C GLN B 148 7.82 7.77 21.27
N GLU B 149 7.20 7.32 20.18
CA GLU B 149 5.98 6.50 20.23
C GLU B 149 6.20 5.17 20.96
N ARG B 150 7.38 4.57 20.76
CA ARG B 150 7.75 3.33 21.44
C ARG B 150 7.99 3.56 22.93
N VAL B 151 8.56 4.72 23.26
CA VAL B 151 8.73 5.14 24.65
C VAL B 151 7.35 5.30 25.31
N ASP B 152 6.45 5.98 24.61
CA ASP B 152 5.10 6.23 25.11
C ASP B 152 4.31 4.95 25.33
N ALA B 153 4.43 4.00 24.40
CA ALA B 153 3.73 2.71 24.48
C ALA B 153 4.09 1.94 25.75
N ILE B 154 5.33 2.10 26.20
CA ILE B 154 5.78 1.53 27.48
C ILE B 154 5.26 2.34 28.66
N LEU B 155 5.30 3.68 28.54
CA LEU B 155 4.77 4.57 29.58
C LEU B 155 3.26 4.43 29.76
N ASN B 156 2.56 4.07 28.67
CA ASN B 156 1.12 3.84 28.71
C ASN B 156 0.74 2.49 29.34
N LEU B 157 1.75 1.71 29.72
CA LEU B 157 1.53 0.42 30.40
C LEU B 157 1.88 0.49 31.90
N GLY B 158 2.00 1.72 32.40
CA GLY B 158 2.24 1.97 33.82
C GLY B 158 3.66 1.67 34.27
N ALA B 159 4.56 1.48 33.31
CA ALA B 159 5.95 1.18 33.60
C ALA B 159 6.82 2.43 33.47
N GLU B 160 7.98 2.39 34.11
CA GLU B 160 8.97 3.45 33.94
C GLU B 160 9.72 3.22 32.64
N CYS B 161 10.07 4.31 31.97
CA CYS B 161 10.85 4.22 30.74
C CYS B 161 11.86 5.36 30.64
N ILE B 162 13.15 4.99 30.65
CA ILE B 162 14.24 5.95 30.65
C ILE B 162 15.04 5.88 29.35
N VAL B 163 15.09 7.00 28.64
CA VAL B 163 15.86 7.12 27.41
C VAL B 163 17.26 7.65 27.73
N THR B 164 18.27 6.88 27.35
CA THR B 164 19.67 7.20 27.68
C THR B 164 20.38 7.91 26.53
N ASP B 165 21.64 8.28 26.76
CA ASP B 165 22.47 8.90 25.72
C ASP B 165 23.53 7.92 25.19
N MET B 166 23.40 6.65 25.57
CA MET B 166 24.32 5.60 25.15
C MET B 166 23.63 4.67 24.14
N ASN B 167 24.42 3.86 23.44
CA ASN B 167 23.89 2.87 22.51
C ASN B 167 23.28 1.66 23.23
N TYR B 168 22.79 0.70 22.45
CA TYR B 168 22.13 -0.49 23.00
C TYR B 168 23.02 -1.25 23.99
N ASP B 169 24.21 -1.62 23.54
CA ASP B 169 25.14 -2.42 24.34
C ASP B 169 25.47 -1.77 25.69
N ASP B 170 25.74 -0.46 25.66
CA ASP B 170 26.07 0.30 26.87
C ASP B 170 24.88 0.43 27.81
N THR B 171 23.67 0.57 27.24
CA THR B 171 22.45 0.70 28.02
C THR B 171 22.09 -0.60 28.74
N VAL B 172 22.42 -1.74 28.11
CA VAL B 172 22.28 -3.06 28.74
C VAL B 172 23.07 -3.12 30.05
N ARG B 173 24.32 -2.66 29.99
CA ARG B 173 25.20 -2.61 31.16
C ARG B 173 24.62 -1.73 32.27
N LEU B 174 24.09 -0.57 31.89
CA LEU B 174 23.47 0.36 32.85
C LEU B 174 22.22 -0.22 33.51
N THR B 175 21.51 -1.09 32.80
CA THR B 175 20.33 -1.77 33.32
C THR B 175 20.75 -2.83 34.34
N MET B 176 21.79 -3.60 33.99
CA MET B 176 22.34 -4.63 34.88
C MET B 176 22.90 -4.03 36.17
N GLN B 177 23.54 -2.88 36.02
CA GLN B 177 24.14 -2.14 37.13
C GLN B 177 23.07 -1.62 38.08
N HIS B 178 22.02 -1.01 37.52
CA HIS B 178 20.91 -0.47 38.30
C HIS B 178 20.11 -1.55 38.97
N ALA B 179 19.97 -2.69 38.31
CA ALA B 179 19.21 -3.82 38.87
C ALA B 179 19.92 -4.46 40.06
N GLN B 180 21.25 -4.55 40.00
CA GLN B 180 22.05 -5.01 41.12
C GLN B 180 21.95 -4.02 42.28
N GLN B 181 21.95 -2.74 41.93
CA GLN B 181 21.88 -1.62 42.86
C GLN B 181 20.59 -1.62 43.68
N HIS B 182 19.46 -1.88 43.03
CA HIS B 182 18.14 -1.83 43.67
C HIS B 182 17.53 -3.18 43.94
N GLY B 183 18.16 -4.24 43.45
CA GLY B 183 17.66 -5.61 43.67
C GLY B 183 16.53 -6.00 42.73
N TRP B 184 16.62 -5.58 41.48
CA TRP B 184 15.62 -5.90 40.46
C TRP B 184 15.93 -7.18 39.74
N GLU B 185 14.97 -7.66 38.97
CA GLU B 185 15.12 -8.86 38.16
C GLU B 185 15.34 -8.48 36.70
N VAL B 186 16.54 -8.73 36.19
CA VAL B 186 16.89 -8.46 34.80
C VAL B 186 16.17 -9.43 33.86
N VAL B 187 15.40 -8.89 32.91
CA VAL B 187 14.71 -9.71 31.92
C VAL B 187 15.14 -9.33 30.50
N GLN B 188 16.27 -9.87 30.05
CA GLN B 188 16.78 -9.62 28.70
C GLN B 188 16.51 -10.80 27.77
N ASP B 189 16.31 -10.49 26.49
CA ASP B 189 16.03 -11.50 25.45
C ASP B 189 17.30 -12.04 24.78
N THR B 190 18.45 -11.76 25.36
CA THR B 190 19.72 -12.34 24.91
C THR B 190 20.42 -13.04 26.07
N ALA B 191 21.26 -14.01 25.74
CA ALA B 191 22.01 -14.75 26.75
C ALA B 191 23.46 -14.30 26.83
N TRP B 192 24.10 -14.65 27.94
CA TRP B 192 25.55 -14.53 28.11
C TRP B 192 25.97 -15.42 29.26
N GLU B 193 27.27 -15.45 29.55
CA GLU B 193 27.78 -16.29 30.64
C GLU B 193 27.22 -15.83 31.98
N GLY B 194 26.46 -16.72 32.62
CA GLY B 194 25.82 -16.44 33.90
C GLY B 194 24.37 -16.05 33.77
N TYR B 195 23.85 -16.06 32.54
CA TYR B 195 22.49 -15.62 32.25
C TYR B 195 21.92 -16.36 31.04
N THR B 196 21.28 -17.49 31.30
CA THR B 196 20.69 -18.31 30.24
C THR B 196 19.27 -18.79 30.54
N LYS B 197 18.85 -18.68 31.80
CA LYS B 197 17.55 -19.19 32.24
C LYS B 197 16.39 -18.43 31.63
N ILE B 198 16.41 -17.11 31.77
CA ILE B 198 15.38 -16.23 31.23
C ILE B 198 15.31 -16.25 29.69
N PRO B 199 16.46 -16.12 28.99
CA PRO B 199 16.45 -16.19 27.52
C PRO B 199 15.93 -17.52 26.96
N THR B 200 16.15 -18.61 27.69
CA THR B 200 15.62 -19.93 27.31
C THR B 200 14.10 -19.91 27.30
N TRP B 201 13.50 -19.43 28.40
CA TRP B 201 12.05 -19.32 28.51
C TRP B 201 11.47 -18.46 27.43
N ILE B 202 12.13 -17.33 27.18
CA ILE B 202 11.76 -16.40 26.12
C ILE B 202 11.72 -17.10 24.76
N MET B 203 12.79 -17.83 24.43
CA MET B 203 12.88 -18.56 23.16
C MET B 203 11.87 -19.69 23.08
N GLN B 204 11.59 -20.32 24.22
CA GLN B 204 10.56 -21.34 24.30
C GLN B 204 9.17 -20.73 24.12
N GLY B 205 8.99 -19.53 24.67
CA GLY B 205 7.73 -18.80 24.57
C GLY B 205 7.40 -18.37 23.16
N TYR B 206 8.42 -17.86 22.45
CA TYR B 206 8.30 -17.47 21.05
C TYR B 206 7.74 -18.59 20.17
N ALA B 207 8.16 -19.82 20.46
CA ALA B 207 7.82 -20.99 19.66
C ALA B 207 6.31 -21.23 19.50
N THR B 208 5.52 -20.63 20.37
CA THR B 208 4.05 -20.68 20.26
C THR B 208 3.58 -20.28 18.87
N LEU B 209 4.22 -19.26 18.30
CA LEU B 209 3.86 -18.76 16.96
C LEU B 209 4.15 -19.79 15.87
N ALA B 210 5.24 -20.54 16.05
CA ALA B 210 5.62 -21.60 15.12
C ALA B 210 4.68 -22.79 15.24
N ASP B 211 4.25 -23.08 16.46
CA ASP B 211 3.27 -24.14 16.72
C ASP B 211 1.93 -23.81 16.07
N GLU B 212 1.48 -22.57 16.22
CA GLU B 212 0.26 -22.08 15.58
C GLU B 212 0.37 -22.22 14.07
N ALA B 213 1.48 -21.73 13.52
CA ALA B 213 1.74 -21.75 12.09
C ALA B 213 1.70 -23.17 11.50
N VAL B 214 2.30 -24.13 12.22
CA VAL B 214 2.30 -25.52 11.78
C VAL B 214 0.89 -26.09 11.73
N GLU B 215 0.10 -25.79 12.78
CA GLU B 215 -1.31 -26.20 12.85
C GLU B 215 -2.10 -25.61 11.69
N GLN B 216 -1.86 -24.33 11.40
CA GLN B 216 -2.54 -23.61 10.34
C GLN B 216 -2.16 -24.14 8.96
N MET B 217 -0.88 -24.47 8.78
CA MET B 217 -0.38 -25.06 7.55
C MET B 217 -0.95 -26.45 7.30
N ARG B 218 -1.12 -27.22 8.37
CA ARG B 218 -1.74 -28.55 8.29
C ARG B 218 -3.24 -28.44 7.99
N GLU B 219 -3.87 -27.42 8.57
CA GLU B 219 -5.26 -27.08 8.26
C GLU B 219 -5.40 -26.75 6.77
N MET B 220 -4.41 -26.02 6.23
CA MET B 220 -4.33 -25.70 4.80
C MET B 220 -4.00 -26.91 3.94
N GLY B 221 -3.30 -27.88 4.51
CA GLY B 221 -2.89 -29.08 3.78
C GLY B 221 -1.56 -28.90 3.06
N VAL B 222 -0.76 -27.94 3.53
CA VAL B 222 0.55 -27.65 2.93
C VAL B 222 1.72 -28.02 3.86
N THR B 223 2.89 -28.21 3.26
CA THR B 223 4.14 -28.44 3.98
C THR B 223 5.15 -27.41 3.48
N PRO B 224 5.78 -26.67 4.42
CA PRO B 224 6.73 -25.66 3.97
C PRO B 224 8.05 -26.28 3.52
N THR B 225 8.59 -25.79 2.40
CA THR B 225 9.89 -26.21 1.92
C THR B 225 10.95 -25.22 2.38
N HIS B 226 10.51 -23.99 2.66
CA HIS B 226 11.39 -22.88 3.02
C HIS B 226 10.87 -22.12 4.21
N VAL B 227 11.79 -21.47 4.93
CA VAL B 227 11.41 -20.51 5.95
C VAL B 227 12.45 -19.38 6.04
N LEU B 228 11.97 -18.14 6.01
CA LEU B 228 12.82 -16.97 6.20
C LEU B 228 12.63 -16.40 7.60
N LEU B 229 13.73 -16.22 8.31
CA LEU B 229 13.70 -15.78 9.70
C LEU B 229 14.63 -14.59 9.91
N GLN B 230 14.05 -13.43 10.19
CA GLN B 230 14.84 -12.23 10.48
C GLN B 230 15.48 -12.33 11.87
N ALA B 231 16.71 -11.86 11.99
CA ALA B 231 17.45 -12.04 13.24
C ALA B 231 18.08 -10.74 13.72
N GLY B 232 17.74 -10.39 14.96
CA GLY B 232 18.44 -9.36 15.71
C GLY B 232 19.54 -10.03 16.49
N VAL B 233 19.23 -10.44 17.72
CA VAL B 233 20.18 -11.19 18.54
C VAL B 233 20.18 -12.68 18.17
N GLY B 234 19.05 -13.15 17.63
CA GLY B 234 18.90 -14.53 17.19
C GLY B 234 17.92 -15.37 18.01
N ALA B 235 17.29 -14.76 19.02
CA ALA B 235 16.37 -15.47 19.90
C ALA B 235 15.15 -16.04 19.16
N MET B 236 14.47 -15.20 18.37
CA MET B 236 13.31 -15.65 17.61
C MET B 236 13.69 -16.76 16.62
N ALA B 237 14.68 -16.48 15.77
CA ALA B 237 15.14 -17.44 14.76
C ALA B 237 15.53 -18.77 15.39
N GLY B 238 16.26 -18.72 16.50
CA GLY B 238 16.67 -19.92 17.23
C GLY B 238 15.50 -20.68 17.83
N GLY B 239 14.55 -19.94 18.40
CA GLY B 239 13.36 -20.53 19.02
C GLY B 239 12.42 -21.12 17.99
N VAL B 240 12.19 -20.38 16.91
CA VAL B 240 11.26 -20.82 15.86
C VAL B 240 11.86 -21.95 15.03
N LEU B 241 13.10 -21.77 14.56
CA LEU B 241 13.80 -22.82 13.81
C LEU B 241 13.98 -24.10 14.63
N GLY B 242 14.20 -23.94 15.94
CA GLY B 242 14.30 -25.08 16.86
C GLY B 242 13.06 -25.95 16.79
N TYR B 243 11.90 -25.32 16.92
CA TYR B 243 10.61 -26.02 16.85
C TYR B 243 10.38 -26.62 15.45
N LEU B 244 10.58 -25.80 14.43
CA LEU B 244 10.34 -26.18 13.04
C LEU B 244 11.18 -27.37 12.62
N VAL B 245 12.44 -27.36 13.05
CA VAL B 245 13.40 -28.41 12.74
C VAL B 245 13.04 -29.73 13.46
N ASP B 246 12.40 -29.62 14.62
CA ASP B 246 11.89 -30.80 15.32
C ASP B 246 10.68 -31.40 14.58
N VAL B 247 9.88 -30.54 13.95
CA VAL B 247 8.72 -30.98 13.17
C VAL B 247 9.11 -31.57 11.82
N TYR B 248 9.80 -30.78 10.99
CA TYR B 248 10.04 -31.16 9.60
C TYR B 248 11.42 -31.75 9.30
N SER B 249 12.30 -31.76 10.31
CA SER B 249 13.73 -32.12 10.17
C SER B 249 14.54 -31.01 9.49
N PRO B 250 15.79 -30.79 9.93
CA PRO B 250 16.61 -29.70 9.38
C PRO B 250 17.05 -29.92 7.93
N GLN B 251 17.09 -31.17 7.50
CA GLN B 251 17.50 -31.51 6.13
C GLN B 251 16.41 -31.19 5.11
N ASN B 252 15.17 -31.10 5.58
CA ASN B 252 14.01 -30.90 4.70
C ASN B 252 13.39 -29.50 4.76
N LEU B 253 13.94 -28.64 5.62
CA LEU B 253 13.51 -27.26 5.71
C LEU B 253 14.65 -26.35 5.29
N HIS B 254 14.48 -25.67 4.16
CA HIS B 254 15.47 -24.71 3.70
C HIS B 254 15.31 -23.40 4.44
N SER B 255 16.05 -23.28 5.52
CA SER B 255 15.95 -22.11 6.40
C SER B 255 16.92 -21.01 6.00
N ILE B 256 16.42 -19.78 5.99
CA ILE B 256 17.24 -18.63 5.63
C ILE B 256 17.15 -17.54 6.70
N ILE B 257 18.30 -17.22 7.31
CA ILE B 257 18.39 -16.16 8.30
C ILE B 257 18.66 -14.83 7.61
N VAL B 258 17.85 -13.83 7.94
CA VAL B 258 17.94 -12.53 7.28
C VAL B 258 18.38 -11.44 8.26
N GLU B 259 19.43 -10.72 7.88
CA GLU B 259 19.97 -9.61 8.67
C GLU B 259 20.31 -8.41 7.80
N PRO B 260 20.08 -7.20 8.33
CA PRO B 260 20.63 -5.98 7.72
C PRO B 260 22.15 -5.95 7.85
N ASP B 261 22.84 -5.46 6.82
CA ASP B 261 24.30 -5.52 6.76
C ASP B 261 25.03 -4.66 7.81
N LYS B 262 24.36 -3.64 8.34
CA LYS B 262 24.94 -2.81 9.39
C LYS B 262 25.04 -3.52 10.75
N ALA B 263 24.29 -4.61 10.90
CA ALA B 263 24.34 -5.44 12.11
C ALA B 263 24.14 -6.91 11.79
N ASP B 264 24.88 -7.42 10.79
CA ASP B 264 24.75 -8.80 10.35
C ASP B 264 25.63 -9.75 11.17
N CYS B 265 25.42 -9.74 12.49
CA CYS B 265 26.27 -10.48 13.44
C CYS B 265 26.26 -11.99 13.24
N ILE B 266 25.08 -12.54 12.94
CA ILE B 266 24.92 -13.98 12.71
C ILE B 266 25.51 -14.39 11.36
N TYR B 267 25.31 -13.55 10.35
CA TYR B 267 25.90 -13.75 9.03
C TYR B 267 27.43 -13.82 9.13
N ARG B 268 28.00 -12.84 9.83
CA ARG B 268 29.45 -12.73 10.00
C ARG B 268 30.02 -13.88 10.82
N SER B 269 29.21 -14.42 11.72
CA SER B 269 29.57 -15.59 12.52
C SER B 269 29.52 -16.87 11.68
N GLY B 270 28.64 -16.88 10.68
CA GLY B 270 28.47 -18.03 9.79
C GLY B 270 29.56 -18.16 8.73
N VAL B 271 30.22 -17.05 8.43
CA VAL B 271 31.29 -17.02 7.43
C VAL B 271 32.65 -17.27 8.09
N LYS B 272 32.93 -16.55 9.18
CA LYS B 272 34.21 -16.64 9.88
C LYS B 272 34.35 -17.96 10.65
N GLY B 273 33.44 -18.19 11.61
CA GLY B 273 33.49 -19.39 12.44
C GLY B 273 32.70 -19.28 13.74
N ASP B 274 33.33 -18.71 14.75
CA ASP B 274 32.73 -18.54 16.07
C ASP B 274 31.91 -17.25 16.14
N ILE B 275 31.63 -16.80 17.38
CA ILE B 275 30.87 -15.57 17.62
C ILE B 275 31.66 -14.32 17.18
N VAL B 276 31.04 -13.53 16.30
CA VAL B 276 31.62 -12.28 15.82
C VAL B 276 30.77 -11.12 16.35
N ASN B 277 31.42 -10.22 17.11
CA ASN B 277 30.74 -9.08 17.70
C ASN B 277 30.70 -7.86 16.78
N VAL B 278 29.49 -7.41 16.46
CA VAL B 278 29.29 -6.27 15.57
C VAL B 278 28.75 -5.07 16.34
N ILE B 285 20.93 0.82 12.43
CA ILE B 285 20.19 -0.37 12.04
C ILE B 285 18.72 -0.24 12.42
N MET B 286 17.88 -1.09 11.81
CA MET B 286 16.44 -1.10 12.05
C MET B 286 16.08 -1.63 13.43
N ALA B 287 15.22 -0.91 14.14
CA ALA B 287 14.82 -1.26 15.51
C ALA B 287 14.20 -2.65 15.59
N GLY B 288 14.81 -3.50 16.42
CA GLY B 288 14.37 -4.89 16.55
C GLY B 288 15.36 -5.86 15.96
N LEU B 289 16.12 -5.40 14.97
CA LEU B 289 17.15 -6.22 14.34
C LEU B 289 18.57 -5.74 14.64
N ALA B 290 18.71 -4.89 15.66
CA ALA B 290 20.01 -4.49 16.16
C ALA B 290 20.63 -5.66 16.92
N CYS B 291 21.92 -5.89 16.69
CA CYS B 291 22.62 -7.00 17.34
C CYS B 291 23.71 -6.53 18.29
N GLY B 292 24.94 -6.44 17.78
CA GLY B 292 26.10 -6.11 18.61
C GLY B 292 26.88 -7.35 19.01
N GLU B 293 26.15 -8.34 19.55
CA GLU B 293 26.72 -9.63 19.93
C GLU B 293 25.64 -10.72 19.80
N PRO B 294 25.95 -11.81 19.08
CA PRO B 294 24.99 -12.90 18.86
C PRO B 294 24.62 -13.67 20.14
N ASN B 295 23.35 -14.08 20.22
CA ASN B 295 22.84 -14.90 21.32
C ASN B 295 23.42 -16.31 21.26
N PRO B 296 24.18 -16.73 22.29
CA PRO B 296 24.82 -18.05 22.33
C PRO B 296 23.82 -19.19 22.21
N LEU B 297 22.67 -19.08 22.88
CA LEU B 297 21.62 -20.08 22.80
C LEU B 297 21.01 -20.15 21.40
N GLY B 298 20.88 -18.99 20.76
CA GLY B 298 20.35 -18.89 19.42
C GLY B 298 21.32 -19.36 18.35
N TRP B 299 22.57 -18.88 18.44
CA TRP B 299 23.63 -19.25 17.51
C TRP B 299 23.84 -20.74 17.42
N GLU B 300 23.68 -21.43 18.54
CA GLU B 300 23.84 -22.88 18.62
C GLU B 300 22.84 -23.61 17.69
N ILE B 301 21.62 -23.10 17.61
CA ILE B 301 20.58 -23.69 16.76
C ILE B 301 20.84 -23.38 15.29
N LEU B 302 21.20 -22.13 15.00
CA LEU B 302 21.38 -21.68 13.62
C LEU B 302 22.63 -22.28 12.97
N ARG B 303 23.74 -22.27 13.70
CA ARG B 303 24.98 -22.91 13.25
C ARG B 303 24.71 -24.34 12.81
N ASN B 304 23.89 -25.05 13.57
CA ASN B 304 23.59 -26.46 13.34
C ASN B 304 22.57 -26.74 12.26
N CYS B 305 21.54 -25.90 12.17
CA CYS B 305 20.36 -26.22 11.37
C CYS B 305 20.00 -25.20 10.28
N ALA B 306 20.53 -23.99 10.38
CA ALA B 306 20.31 -22.97 9.34
C ALA B 306 20.98 -23.38 8.05
N THR B 307 20.24 -23.30 6.95
CA THR B 307 20.79 -23.64 5.63
C THR B 307 21.65 -22.51 5.11
N GLN B 308 21.14 -21.28 5.17
CA GLN B 308 21.82 -20.12 4.62
C GLN B 308 21.65 -18.87 5.48
N PHE B 309 22.60 -17.94 5.36
CA PHE B 309 22.52 -16.63 6.01
C PHE B 309 22.47 -15.53 4.95
N ILE B 310 21.70 -14.48 5.22
CA ILE B 310 21.61 -13.34 4.29
C ILE B 310 21.96 -12.01 4.95
N SER B 311 22.92 -11.31 4.35
CA SER B 311 23.25 -9.94 4.70
C SER B 311 22.72 -9.05 3.59
N CYS B 312 21.78 -8.18 3.93
CA CYS B 312 21.11 -7.36 2.93
C CYS B 312 21.10 -5.86 3.23
N GLN B 313 20.86 -5.09 2.17
CA GLN B 313 20.70 -3.64 2.24
C GLN B 313 19.46 -3.29 3.05
N ASP B 314 19.43 -2.10 3.62
CA ASP B 314 18.29 -1.66 4.44
C ASP B 314 17.03 -1.42 3.62
N SER B 315 17.20 -0.99 2.38
CA SER B 315 16.09 -0.74 1.46
C SER B 315 15.31 -2.00 1.10
N VAL B 316 15.91 -3.17 1.38
CA VAL B 316 15.25 -4.46 1.20
C VAL B 316 14.07 -4.57 2.16
N ALA B 317 14.28 -4.11 3.39
CA ALA B 317 13.23 -4.10 4.41
C ALA B 317 12.08 -3.18 4.02
N ALA B 318 12.41 -1.99 3.52
CA ALA B 318 11.43 -1.00 3.08
C ALA B 318 10.61 -1.50 1.89
N LEU B 319 11.27 -2.22 0.99
CA LEU B 319 10.60 -2.87 -0.13
C LEU B 319 9.51 -3.81 0.38
N GLY B 320 9.89 -4.70 1.31
CA GLY B 320 8.96 -5.64 1.93
C GLY B 320 7.77 -4.98 2.62
N MET B 321 8.04 -3.86 3.28
CA MET B 321 7.00 -3.06 3.95
C MET B 321 5.91 -2.67 2.96
N ARG B 322 6.33 -2.13 1.82
CA ARG B 322 5.42 -1.65 0.78
C ARG B 322 4.64 -2.77 0.10
N VAL B 323 5.32 -3.87 -0.19
CA VAL B 323 4.72 -5.03 -0.85
C VAL B 323 3.63 -5.67 0.02
N LEU B 324 3.90 -5.76 1.32
CA LEU B 324 2.94 -6.31 2.27
C LEU B 324 1.73 -5.39 2.50
N GLY B 325 1.97 -4.09 2.52
CA GLY B 325 0.93 -3.09 2.79
C GLY B 325 0.10 -2.72 1.57
N ASN B 326 0.65 -2.97 0.39
CA ASN B 326 -0.11 -2.84 -0.85
C ASN B 326 0.04 -4.12 -1.67
N PRO B 327 -0.74 -5.16 -1.30
CA PRO B 327 -0.59 -6.51 -1.86
C PRO B 327 -0.87 -6.58 -3.37
N TYR B 328 -0.39 -7.65 -4.00
CA TYR B 328 -0.60 -7.88 -5.42
C TYR B 328 -1.87 -8.68 -5.66
N GLY B 329 -2.55 -8.38 -6.76
CA GLY B 329 -3.80 -9.06 -7.12
C GLY B 329 -4.85 -8.94 -6.03
N ASN B 330 -5.29 -10.09 -5.55
CA ASN B 330 -6.32 -10.17 -4.51
C ASN B 330 -5.79 -10.60 -3.14
N ASP B 331 -4.46 -10.60 -2.98
CA ASP B 331 -3.84 -11.01 -1.72
C ASP B 331 -4.30 -10.16 -0.53
N PRO B 332 -4.37 -10.76 0.66
CA PRO B 332 -4.70 -9.98 1.86
C PRO B 332 -3.59 -8.98 2.20
N ARG B 333 -3.99 -7.84 2.74
CA ARG B 333 -3.07 -6.77 3.13
C ARG B 333 -2.49 -7.02 4.53
N ILE B 334 -1.22 -6.71 4.72
CA ILE B 334 -0.54 -6.89 6.00
C ILE B 334 0.26 -5.64 6.36
N ILE B 335 0.07 -5.14 7.58
CA ILE B 335 0.85 -4.02 8.08
C ILE B 335 2.13 -4.56 8.70
N SER B 336 3.27 -4.22 8.11
CA SER B 336 4.53 -4.76 8.58
C SER B 336 5.58 -3.68 8.80
N GLY B 337 6.13 -3.66 10.01
CA GLY B 337 7.20 -2.72 10.38
C GLY B 337 8.51 -3.06 9.70
N GLU B 338 9.51 -2.20 9.88
CA GLU B 338 10.78 -2.34 9.18
C GLU B 338 11.47 -3.68 9.43
N SER B 339 11.58 -4.05 10.71
CA SER B 339 12.18 -5.33 11.07
C SER B 339 11.24 -6.52 10.81
N GLY B 340 9.94 -6.22 10.66
CA GLY B 340 8.93 -7.25 10.42
C GLY B 340 8.85 -7.70 8.97
N ALA B 341 9.33 -6.87 8.06
CA ALA B 341 9.09 -7.06 6.63
C ALA B 341 10.30 -7.55 5.84
N VAL B 342 11.47 -7.56 6.47
CA VAL B 342 12.73 -7.82 5.76
C VAL B 342 12.81 -9.22 5.12
N GLY B 343 12.13 -10.20 5.72
CA GLY B 343 12.08 -11.55 5.16
C GLY B 343 11.36 -11.55 3.83
N LEU B 344 10.18 -10.94 3.80
CA LEU B 344 9.40 -10.79 2.58
C LEU B 344 10.16 -9.91 1.58
N GLY B 345 10.81 -8.87 2.08
CA GLY B 345 11.62 -7.97 1.25
C GLY B 345 12.66 -8.68 0.40
N VAL B 346 13.29 -9.69 0.99
CA VAL B 346 14.29 -10.51 0.31
C VAL B 346 13.70 -11.16 -0.94
N LEU B 347 12.52 -11.74 -0.79
CA LEU B 347 11.84 -12.42 -1.90
C LEU B 347 11.55 -11.47 -3.05
N ALA B 348 11.13 -10.25 -2.72
CA ALA B 348 10.83 -9.24 -3.73
C ALA B 348 12.10 -8.72 -4.40
N ALA B 349 13.16 -8.54 -3.62
CA ALA B 349 14.45 -8.09 -4.12
C ALA B 349 15.06 -9.09 -5.10
N VAL B 350 14.84 -10.38 -4.82
CA VAL B 350 15.29 -11.45 -5.70
C VAL B 350 14.53 -11.43 -7.03
N HIS B 351 13.21 -11.24 -6.94
CA HIS B 351 12.34 -11.24 -8.12
C HIS B 351 12.70 -10.19 -9.13
N TYR B 352 13.06 -8.99 -8.65
CA TYR B 352 13.37 -7.87 -9.54
C TYR B 352 14.85 -7.76 -9.90
N HIS B 353 15.68 -8.60 -9.29
CA HIS B 353 17.12 -8.64 -9.54
C HIS B 353 17.41 -9.13 -10.93
N PRO B 354 18.44 -8.54 -11.58
CA PRO B 354 18.87 -9.05 -12.90
C PRO B 354 19.30 -10.51 -12.84
N GLN B 355 19.96 -10.90 -11.75
CA GLN B 355 20.41 -12.27 -11.53
C GLN B 355 19.35 -13.12 -10.83
N ARG B 356 18.09 -12.76 -11.05
CA ARG B 356 16.92 -13.48 -10.52
C ARG B 356 17.06 -15.01 -10.57
N GLN B 357 17.42 -15.52 -11.75
CA GLN B 357 17.52 -16.97 -11.99
C GLN B 357 18.55 -17.64 -11.09
N SER B 358 19.76 -17.10 -11.04
CA SER B 358 20.84 -17.66 -10.22
C SER B 358 20.55 -17.51 -8.72
N LEU B 359 19.96 -16.38 -8.32
CA LEU B 359 19.59 -16.15 -6.92
C LEU B 359 18.49 -17.09 -6.45
N MET B 360 17.50 -17.34 -7.33
CA MET B 360 16.44 -18.31 -7.04
C MET B 360 17.03 -19.72 -6.98
N GLU B 361 17.97 -19.99 -7.86
CA GLU B 361 18.68 -21.27 -7.91
C GLU B 361 19.44 -21.51 -6.60
N LYS B 362 20.20 -20.51 -6.17
CA LYS B 362 20.96 -20.56 -4.92
C LYS B 362 20.09 -20.79 -3.69
N LEU B 363 18.93 -20.13 -3.66
CA LEU B 363 18.00 -20.23 -2.53
C LEU B 363 17.07 -21.44 -2.65
N ALA B 364 17.25 -22.21 -3.73
CA ALA B 364 16.44 -23.38 -4.06
C ALA B 364 14.95 -23.06 -4.18
N LEU B 365 14.65 -21.85 -4.66
CA LEU B 365 13.28 -21.41 -4.89
C LEU B 365 12.83 -21.77 -6.30
N ASN B 366 11.71 -22.49 -6.37
CA ASN B 366 11.14 -22.93 -7.64
C ASN B 366 9.62 -22.96 -7.59
N LYS B 367 9.00 -23.49 -8.64
CA LYS B 367 7.54 -23.58 -8.77
C LYS B 367 6.86 -24.39 -7.66
N ASP B 368 7.62 -25.22 -6.96
CA ASP B 368 7.09 -26.08 -5.91
C ASP B 368 7.38 -25.59 -4.49
N ALA B 369 8.04 -24.44 -4.39
CA ALA B 369 8.46 -23.92 -3.09
C ALA B 369 7.30 -23.33 -2.28
N VAL B 370 7.23 -23.72 -1.01
CA VAL B 370 6.23 -23.21 -0.08
C VAL B 370 7.00 -22.43 0.99
N VAL B 371 6.91 -21.11 0.90
CA VAL B 371 7.78 -20.24 1.70
C VAL B 371 7.05 -19.62 2.90
N LEU B 372 7.50 -20.00 4.10
CA LEU B 372 7.00 -19.42 5.34
C LEU B 372 7.79 -18.16 5.68
N VAL B 373 7.06 -17.07 5.89
CA VAL B 373 7.66 -15.79 6.24
C VAL B 373 7.06 -15.34 7.57
N ILE B 374 7.88 -14.74 8.44
CA ILE B 374 7.39 -14.22 9.70
C ILE B 374 7.35 -12.70 9.65
N SER B 375 6.16 -12.14 9.83
CA SER B 375 6.03 -10.70 10.02
C SER B 375 6.01 -10.43 11.52
N THR B 376 7.19 -10.09 12.05
CA THR B 376 7.39 -10.02 13.49
C THR B 376 6.67 -8.85 14.15
N GLU B 377 6.53 -7.74 13.43
CA GLU B 377 5.85 -6.55 13.95
C GLU B 377 4.99 -5.84 12.91
N GLY B 378 3.97 -5.12 13.39
CA GLY B 378 3.22 -4.18 12.56
C GLY B 378 3.89 -2.81 12.60
N ASP B 379 3.09 -1.76 12.41
CA ASP B 379 3.57 -0.38 12.37
C ASP B 379 3.84 0.20 13.77
N THR B 380 4.86 -0.33 14.44
CA THR B 380 5.22 0.09 15.79
C THR B 380 5.71 1.54 15.82
N ASP B 381 6.31 1.97 14.72
CA ASP B 381 6.63 3.38 14.51
C ASP B 381 5.78 3.89 13.35
N VAL B 382 4.60 4.44 13.68
CA VAL B 382 3.65 4.92 12.66
C VAL B 382 4.24 6.01 11.77
N LYS B 383 5.10 6.86 12.36
CA LYS B 383 5.79 7.92 11.64
C LYS B 383 6.68 7.34 10.55
N HIS B 384 7.56 6.41 10.94
CA HIS B 384 8.49 5.76 10.03
C HIS B 384 7.79 4.91 9.00
N TYR B 385 6.74 4.20 9.43
CA TYR B 385 5.99 3.30 8.53
C TYR B 385 5.35 4.04 7.36
N ARG B 386 4.75 5.19 7.65
CA ARG B 386 4.05 5.96 6.63
C ARG B 386 5.02 6.75 5.74
N GLU B 387 6.21 7.04 6.27
CA GLU B 387 7.27 7.64 5.47
C GLU B 387 7.76 6.66 4.41
N VAL B 388 7.77 5.38 4.76
CA VAL B 388 8.21 4.32 3.86
C VAL B 388 7.15 4.05 2.79
N VAL B 389 5.92 3.78 3.22
CA VAL B 389 4.86 3.35 2.31
C VAL B 389 4.19 4.49 1.53
N TRP B 390 4.24 5.70 2.08
CA TRP B 390 3.64 6.87 1.41
C TRP B 390 4.65 7.79 0.77
N GLU B 391 5.64 8.20 1.55
CA GLU B 391 6.62 9.19 1.09
C GLU B 391 7.72 8.54 0.25
N GLY B 392 7.81 7.22 0.31
CA GLY B 392 8.82 6.47 -0.42
C GLY B 392 10.22 6.62 0.15
N LYS B 393 10.31 6.78 1.47
CA LYS B 393 11.61 6.83 2.15
C LYS B 393 12.29 5.47 2.03
N HIS B 394 13.59 5.48 1.77
CA HIS B 394 14.38 4.28 1.48
C HIS B 394 13.92 3.60 0.21
N ALA B 395 13.60 4.42 -0.79
CA ALA B 395 13.24 3.94 -2.11
C ALA B 395 14.35 3.10 -2.72
N VAL B 396 14.00 2.30 -3.72
CA VAL B 396 14.95 1.46 -4.42
C VAL B 396 15.99 2.31 -5.17
N ALA B 397 15.52 3.29 -5.92
CA ALA B 397 16.38 4.15 -6.75
C ALA B 397 16.44 5.57 -6.21
N DSN C . -7.84 12.20 -22.46
CA DSN C . -6.51 11.55 -22.54
C DSN C . -6.68 10.10 -22.98
O DSN C . -6.39 9.73 -24.12
OXT DSN C . -7.10 9.25 -22.21
CB DSN C . -5.62 12.36 -23.48
OG DSN C . -4.56 12.97 -22.74
N DSN D . 15.86 -7.62 20.72
CA DSN D . 15.36 -6.40 20.04
C DSN D . 14.43 -5.62 20.94
O DSN D . 13.21 -5.58 20.71
OXT DSN D . 14.83 -5.02 21.95
CB DSN D . 16.56 -5.58 19.59
OG DSN D . 17.43 -6.40 18.80
#